data_6N44
#
_entry.id   6N44
#
_cell.length_a   96.170
_cell.length_b   127.450
_cell.length_c   141.410
_cell.angle_alpha   90.000
_cell.angle_beta   90.000
_cell.angle_gamma   90.000
#
_symmetry.space_group_name_H-M   'P 21 21 21'
#
loop_
_entity.id
_entity.type
_entity.pdbx_description
1 polymer Galectin
2 non-polymer GLYCEROL
3 water water
#
_entity_poly.entity_id   1
_entity_poly.type   'polypeptide(L)'
_entity_poly.pdbx_seq_one_letter_code
;PGMDSLPNPYLQSVSLTVCYMVKIKANLLSPFGKNPELQVDFGTGTGQGGDIPFRFWYCDGIVVMNTLKDGSWGKEQKLH
TEAFVPGQPFELQFLVLENEYQVFVNNKPICQFAHRLPLQSVKMLDVRGDIVLTSVDTL
;
_entity_poly.pdbx_strand_id   A,B,C,D,E,F,G,H
#
# COMPACT_ATOMS: atom_id res chain seq x y z
N PRO A 1 9.20 -5.90 4.45
CA PRO A 1 8.90 -7.09 3.64
C PRO A 1 7.38 -7.19 3.37
N GLY A 2 6.64 -6.25 3.94
CA GLY A 2 5.22 -6.16 3.68
C GLY A 2 4.96 -5.57 2.30
N MET A 3 3.98 -6.13 1.60
CA MET A 3 3.54 -5.60 0.32
C MET A 3 2.12 -6.10 0.06
N ASP A 4 1.31 -5.25 -0.58
CA ASP A 4 -0.05 -5.64 -0.91
C ASP A 4 -0.07 -6.68 -2.02
N SER A 5 -1.05 -7.56 -1.96
CA SER A 5 -1.17 -8.55 -3.04
C SER A 5 -2.62 -9.01 -3.12
N LEU A 6 -2.91 -9.69 -4.19
CA LEU A 6 -4.22 -10.21 -4.53
C LEU A 6 -4.36 -11.63 -4.04
N PRO A 7 -5.58 -12.12 -3.90
CA PRO A 7 -5.77 -13.52 -3.49
C PRO A 7 -5.17 -14.47 -4.50
N ASN A 8 -4.70 -15.60 -4.00
CA ASN A 8 -4.11 -16.64 -4.85
C ASN A 8 -4.66 -17.97 -4.37
N PRO A 9 -5.46 -18.66 -5.20
CA PRO A 9 -5.81 -18.36 -6.60
C PRO A 9 -6.64 -17.09 -6.80
N TYR A 10 -6.46 -16.50 -7.98
CA TYR A 10 -7.17 -15.32 -8.43
C TYR A 10 -8.16 -15.75 -9.50
N LEU A 11 -9.42 -15.35 -9.36
CA LEU A 11 -10.46 -15.68 -10.32
C LEU A 11 -11.06 -14.40 -10.88
N GLN A 12 -11.36 -14.42 -12.19
CA GLN A 12 -12.06 -13.29 -12.80
C GLN A 12 -12.93 -13.78 -13.96
N SER A 13 -14.23 -13.56 -13.86
CA SER A 13 -15.11 -13.75 -15.02
C SER A 13 -14.67 -12.84 -16.17
N VAL A 14 -14.64 -13.39 -17.39
CA VAL A 14 -14.21 -12.66 -18.58
C VAL A 14 -15.08 -13.03 -19.78
N SER A 15 -15.12 -12.12 -20.76
CA SER A 15 -15.57 -12.44 -22.13
C SER A 15 -14.46 -12.02 -23.08
N LEU A 16 -13.86 -12.98 -23.74
CA LEU A 16 -12.75 -12.66 -24.62
C LEU A 16 -13.28 -12.09 -25.93
N THR A 17 -12.43 -11.31 -26.58
CA THR A 17 -12.73 -10.92 -27.94
C THR A 17 -11.51 -11.21 -28.80
N VAL A 18 -11.60 -10.78 -30.06
CA VAL A 18 -10.54 -10.92 -31.05
C VAL A 18 -9.42 -9.91 -30.87
N CYS A 19 -9.57 -8.97 -29.93
CA CYS A 19 -8.51 -8.03 -29.59
C CYS A 19 -8.64 -7.77 -28.08
N TYR A 20 -7.96 -8.60 -27.30
CA TYR A 20 -8.16 -8.67 -25.85
C TYR A 20 -6.83 -8.91 -25.16
N MET A 21 -6.57 -8.19 -24.06
CA MET A 21 -5.30 -8.28 -23.37
C MET A 21 -5.51 -8.59 -21.90
N VAL A 22 -4.71 -9.53 -21.39
CA VAL A 22 -4.55 -9.80 -19.97
C VAL A 22 -3.13 -9.43 -19.58
N LYS A 23 -2.98 -8.64 -18.52
CA LYS A 23 -1.66 -8.27 -18.01
C LYS A 23 -1.57 -8.66 -16.54
N ILE A 24 -0.66 -9.57 -16.24
CA ILE A 24 -0.44 -10.10 -14.89
C ILE A 24 0.92 -9.61 -14.41
N LYS A 25 0.96 -9.09 -13.18
CA LYS A 25 2.23 -8.73 -12.55
C LYS A 25 2.38 -9.56 -11.29
N ALA A 26 3.47 -10.32 -11.21
CA ALA A 26 3.67 -11.27 -10.11
C ALA A 26 5.16 -11.52 -9.89
N ASN A 27 5.45 -12.32 -8.86
CA ASN A 27 6.82 -12.70 -8.53
C ASN A 27 6.81 -14.11 -7.96
N LEU A 28 7.73 -14.96 -8.44
CA LEU A 28 7.79 -16.33 -7.96
C LEU A 28 8.36 -16.39 -6.54
N LEU A 29 7.74 -17.23 -5.72
CA LEU A 29 8.16 -17.51 -4.35
C LEU A 29 9.30 -18.54 -4.35
N SER A 30 9.80 -18.83 -3.15
CA SER A 30 10.76 -19.91 -2.91
C SER A 30 10.10 -20.92 -1.98
N PRO A 31 9.19 -21.74 -2.50
CA PRO A 31 8.51 -22.70 -1.63
C PRO A 31 9.46 -23.76 -1.09
N PHE A 32 9.15 -24.20 0.13
CA PHE A 32 9.89 -25.26 0.82
C PHE A 32 9.94 -26.51 -0.04
N GLY A 33 11.13 -26.89 -0.50
CA GLY A 33 11.33 -28.20 -1.10
C GLY A 33 10.77 -28.41 -2.49
N LYS A 34 10.52 -27.36 -3.26
CA LYS A 34 10.11 -27.54 -4.65
C LYS A 34 10.36 -26.27 -5.43
N ASN A 35 10.38 -26.41 -6.74
CA ASN A 35 10.49 -25.24 -7.60
C ASN A 35 9.12 -24.59 -7.76
N PRO A 36 9.06 -23.26 -7.70
CA PRO A 36 7.77 -22.56 -7.84
C PRO A 36 7.13 -22.78 -9.21
N GLU A 37 5.80 -22.91 -9.22
CA GLU A 37 5.04 -23.07 -10.45
C GLU A 37 4.15 -21.86 -10.67
N LEU A 38 3.81 -21.61 -11.93
CA LEU A 38 2.86 -20.59 -12.33
C LEU A 38 1.86 -21.25 -13.27
N GLN A 39 0.57 -20.95 -13.08
CA GLN A 39 -0.46 -21.57 -13.91
C GLN A 39 -1.57 -20.58 -14.21
N VAL A 40 -1.88 -20.40 -15.49
CA VAL A 40 -2.96 -19.50 -15.92
C VAL A 40 -3.95 -20.28 -16.78
N ASP A 41 -5.20 -20.28 -16.36
CA ASP A 41 -6.27 -21.00 -17.06
C ASP A 41 -7.22 -19.99 -17.67
N PHE A 42 -7.36 -20.05 -18.99
CA PHE A 42 -8.52 -19.47 -19.68
C PHE A 42 -9.52 -20.60 -19.79
N GLY A 43 -10.44 -20.67 -18.81
CA GLY A 43 -11.35 -21.78 -18.67
C GLY A 43 -12.80 -21.42 -18.99
N THR A 44 -13.63 -22.47 -19.12
CA THR A 44 -15.04 -22.26 -19.47
C THR A 44 -15.90 -21.93 -18.26
N GLY A 45 -15.40 -22.10 -17.05
CA GLY A 45 -16.17 -21.75 -15.89
C GLY A 45 -17.41 -22.59 -15.67
N THR A 46 -17.44 -23.79 -16.24
CA THR A 46 -18.47 -24.77 -15.90
C THR A 46 -18.13 -25.36 -14.53
N GLY A 47 -18.16 -26.68 -14.39
CA GLY A 47 -17.86 -27.31 -13.12
C GLY A 47 -16.38 -27.55 -12.93
N GLN A 48 -16.05 -28.48 -12.04
CA GLN A 48 -14.69 -29.00 -11.99
C GLN A 48 -14.50 -29.99 -13.12
N GLY A 49 -13.29 -30.01 -13.69
CA GLY A 49 -13.08 -30.79 -14.88
C GLY A 49 -13.81 -30.31 -16.12
N GLY A 50 -14.44 -29.12 -16.07
CA GLY A 50 -14.98 -28.49 -17.26
C GLY A 50 -13.86 -28.11 -18.23
N ASP A 51 -14.27 -27.73 -19.44
CA ASP A 51 -13.30 -27.48 -20.50
C ASP A 51 -12.35 -26.35 -20.14
N ILE A 52 -11.10 -26.48 -20.56
CA ILE A 52 -10.11 -25.41 -20.43
C ILE A 52 -9.53 -25.18 -21.81
N PRO A 53 -10.06 -24.22 -22.56
CA PRO A 53 -9.50 -23.88 -23.87
C PRO A 53 -8.00 -23.63 -23.87
N PHE A 54 -7.44 -23.03 -22.80
CA PHE A 54 -6.02 -22.68 -22.84
C PHE A 54 -5.48 -22.65 -21.42
N ARG A 55 -4.59 -23.57 -21.11
CA ARG A 55 -3.82 -23.55 -19.87
C ARG A 55 -2.38 -23.25 -20.20
N PHE A 56 -1.81 -22.30 -19.48
CA PHE A 56 -0.41 -21.93 -19.55
C PHE A 56 0.22 -22.31 -18.22
N TRP A 57 1.29 -23.11 -18.27
CA TRP A 57 1.93 -23.66 -17.08
C TRP A 57 3.42 -23.45 -17.18
N TYR A 58 4.02 -22.97 -16.11
CA TYR A 58 5.44 -22.70 -16.11
C TYR A 58 6.05 -23.23 -14.83
N CYS A 59 7.21 -23.87 -14.97
CA CYS A 59 8.00 -24.24 -13.81
C CYS A 59 9.41 -24.56 -14.27
N ASP A 60 10.40 -23.95 -13.62
CA ASP A 60 11.81 -24.34 -13.74
C ASP A 60 12.26 -24.39 -15.21
N GLY A 61 12.08 -23.25 -15.90
CA GLY A 61 12.55 -23.09 -17.26
C GLY A 61 11.68 -23.70 -18.34
N ILE A 62 10.51 -24.24 -18.01
CA ILE A 62 9.71 -25.01 -18.97
C ILE A 62 8.28 -24.46 -18.99
N VAL A 63 7.79 -24.17 -20.20
CA VAL A 63 6.40 -23.80 -20.41
C VAL A 63 5.68 -24.98 -21.05
N VAL A 64 4.54 -25.36 -20.49
CA VAL A 64 3.64 -26.31 -21.14
C VAL A 64 2.29 -25.64 -21.35
N MET A 65 1.76 -25.72 -22.58
CA MET A 65 0.43 -25.22 -22.90
C MET A 65 -0.41 -26.34 -23.46
N ASN A 66 -1.69 -26.38 -23.08
CA ASN A 66 -2.54 -27.47 -23.53
C ASN A 66 -4.00 -27.04 -23.43
N THR A 67 -4.88 -27.93 -23.90
CA THR A 67 -6.32 -27.73 -23.92
C THR A 67 -6.98 -28.96 -23.31
N LEU A 68 -7.93 -28.72 -22.42
CA LEU A 68 -8.76 -29.77 -21.83
C LEU A 68 -10.12 -29.70 -22.51
N LYS A 69 -10.47 -30.73 -23.27
CA LYS A 69 -11.72 -30.80 -24.01
C LYS A 69 -12.44 -32.10 -23.67
N ASP A 70 -13.59 -31.99 -23.03
CA ASP A 70 -14.42 -33.14 -22.64
C ASP A 70 -13.60 -34.16 -21.84
N GLY A 71 -13.02 -33.68 -20.75
CA GLY A 71 -12.24 -34.52 -19.88
C GLY A 71 -10.91 -34.99 -20.42
N SER A 72 -10.53 -34.61 -21.63
CA SER A 72 -9.29 -35.09 -22.23
C SER A 72 -8.31 -33.94 -22.45
N TRP A 73 -7.10 -34.06 -21.91
CA TRP A 73 -6.01 -33.16 -22.27
C TRP A 73 -5.46 -33.56 -23.63
N GLY A 74 -5.11 -32.56 -24.44
CA GLY A 74 -4.60 -32.78 -25.77
C GLY A 74 -3.08 -32.91 -25.83
N LYS A 75 -2.53 -32.68 -27.02
CA LYS A 75 -1.09 -32.75 -27.23
C LYS A 75 -0.43 -31.47 -26.72
N GLU A 76 0.53 -31.62 -25.81
CA GLU A 76 1.20 -30.48 -25.21
C GLU A 76 2.00 -29.70 -26.24
N GLN A 77 1.98 -28.37 -26.11
CA GLN A 77 2.98 -27.51 -26.74
C GLN A 77 3.95 -27.11 -25.64
N LYS A 78 5.21 -27.55 -25.77
CA LYS A 78 6.18 -27.42 -24.68
C LYS A 78 7.43 -26.70 -25.17
N LEU A 79 7.97 -25.79 -24.36
CA LEU A 79 9.19 -25.08 -24.75
C LEU A 79 9.99 -24.69 -23.52
N HIS A 80 11.22 -24.25 -23.77
CA HIS A 80 12.12 -23.73 -22.75
C HIS A 80 12.20 -22.21 -22.85
N THR A 81 12.28 -21.55 -21.70
CA THR A 81 12.47 -20.11 -21.68
C THR A 81 13.21 -19.74 -20.42
N GLU A 82 13.96 -18.65 -20.51
CA GLU A 82 14.65 -18.07 -19.36
C GLU A 82 13.95 -16.81 -18.87
N ALA A 83 12.73 -16.54 -19.34
CA ALA A 83 12.06 -15.27 -19.08
C ALA A 83 11.73 -15.06 -17.60
N PHE A 84 11.42 -16.12 -16.86
CA PHE A 84 10.97 -15.99 -15.47
C PHE A 84 12.15 -16.18 -14.53
N VAL A 85 12.71 -15.08 -14.03
CA VAL A 85 13.83 -15.13 -13.11
C VAL A 85 13.27 -15.04 -11.70
N PRO A 86 13.38 -16.10 -10.86
CA PRO A 86 12.99 -15.86 -9.47
C PRO A 86 14.12 -15.14 -8.74
N GLY A 87 13.83 -14.28 -7.77
CA GLY A 87 12.50 -13.79 -7.51
C GLY A 87 12.42 -12.36 -8.02
N GLN A 88 12.73 -12.16 -9.29
CA GLN A 88 12.49 -10.88 -9.94
C GLN A 88 11.02 -10.75 -10.29
N PRO A 89 10.39 -9.62 -10.01
CA PRO A 89 9.01 -9.43 -10.47
C PRO A 89 8.96 -9.43 -11.99
N PHE A 90 7.91 -10.02 -12.54
CA PHE A 90 7.74 -10.12 -13.98
C PHE A 90 6.37 -9.60 -14.38
N GLU A 91 6.27 -9.24 -15.65
CA GLU A 91 5.01 -8.89 -16.28
C GLU A 91 4.70 -9.92 -17.36
N LEU A 92 3.62 -10.66 -17.17
CA LEU A 92 3.18 -11.68 -18.11
C LEU A 92 1.93 -11.17 -18.82
N GLN A 93 1.98 -11.13 -20.16
CA GLN A 93 0.87 -10.67 -20.97
C GLN A 93 0.35 -11.76 -21.88
N PHE A 94 -0.97 -11.89 -21.93
CA PHE A 94 -1.64 -12.72 -22.94
C PHE A 94 -2.44 -11.80 -23.85
N LEU A 95 -2.21 -11.95 -25.14
CA LEU A 95 -2.92 -11.21 -26.16
C LEU A 95 -3.82 -12.20 -26.91
N VAL A 96 -5.14 -12.01 -26.82
CA VAL A 96 -6.08 -12.87 -27.51
C VAL A 96 -6.38 -12.26 -28.88
N LEU A 97 -6.05 -12.99 -29.92
CA LEU A 97 -6.34 -12.60 -31.30
C LEU A 97 -7.29 -13.60 -31.93
N GLU A 98 -7.69 -13.33 -33.18
CA GLU A 98 -8.61 -14.24 -33.87
C GLU A 98 -7.99 -15.63 -34.02
N ASN A 99 -6.69 -15.73 -34.26
CA ASN A 99 -6.08 -17.00 -34.59
C ASN A 99 -5.37 -17.67 -33.42
N GLU A 100 -4.92 -16.92 -32.42
CA GLU A 100 -4.05 -17.50 -31.39
C GLU A 100 -4.04 -16.60 -30.17
N TYR A 101 -3.56 -17.15 -29.06
CA TYR A 101 -3.04 -16.34 -27.97
C TYR A 101 -1.58 -16.06 -28.25
N GLN A 102 -1.14 -14.83 -27.96
CA GLN A 102 0.27 -14.49 -27.97
C GLN A 102 0.71 -14.20 -26.54
N VAL A 103 1.88 -14.70 -26.16
CA VAL A 103 2.38 -14.60 -24.80
C VAL A 103 3.64 -13.76 -24.80
N PHE A 104 3.69 -12.78 -23.90
CA PHE A 104 4.83 -11.91 -23.70
C PHE A 104 5.18 -11.93 -22.22
N VAL A 105 6.48 -11.88 -21.94
CA VAL A 105 6.98 -11.67 -20.59
C VAL A 105 7.95 -10.50 -20.64
N ASN A 106 7.74 -9.51 -19.78
CA ASN A 106 8.59 -8.32 -19.72
C ASN A 106 8.79 -7.71 -21.11
N ASN A 107 7.69 -7.59 -21.85
CA ASN A 107 7.65 -6.95 -23.16
C ASN A 107 8.35 -7.77 -24.24
N LYS A 108 8.69 -9.03 -23.99
CA LYS A 108 9.30 -9.86 -25.03
C LYS A 108 8.40 -11.02 -25.40
N PRO A 109 8.27 -11.35 -26.67
CA PRO A 109 7.40 -12.48 -27.06
C PRO A 109 8.06 -13.82 -26.69
N ILE A 110 7.29 -14.68 -26.05
CA ILE A 110 7.76 -15.98 -25.61
C ILE A 110 7.23 -17.11 -26.47
N CYS A 111 5.94 -17.07 -26.80
CA CYS A 111 5.31 -18.20 -27.50
C CYS A 111 3.90 -17.80 -27.89
N GLN A 112 3.30 -18.61 -28.76
CA GLN A 112 1.94 -18.43 -29.23
C GLN A 112 1.22 -19.77 -29.19
N PHE A 113 -0.10 -19.72 -29.00
CA PHE A 113 -0.94 -20.91 -28.87
C PHE A 113 -2.16 -20.74 -29.79
N ALA A 114 -2.20 -21.50 -30.87
CA ALA A 114 -3.35 -21.50 -31.77
C ALA A 114 -4.62 -21.95 -31.06
N HIS A 115 -5.73 -21.27 -31.34
CA HIS A 115 -6.99 -21.62 -30.67
C HIS A 115 -7.37 -23.05 -31.02
N ARG A 116 -7.80 -23.79 -30.01
CA ARG A 116 -8.29 -25.15 -30.21
C ARG A 116 -9.77 -25.27 -29.92
N LEU A 117 -10.25 -24.56 -28.92
CA LEU A 117 -11.64 -24.31 -28.62
C LEU A 117 -11.93 -22.84 -28.85
N PRO A 118 -13.18 -22.47 -29.19
CA PRO A 118 -13.49 -21.07 -29.50
C PRO A 118 -13.14 -20.14 -28.33
N LEU A 119 -12.53 -18.99 -28.66
CA LEU A 119 -12.21 -18.04 -27.61
C LEU A 119 -13.47 -17.52 -26.95
N GLN A 120 -14.59 -17.53 -27.68
CA GLN A 120 -15.88 -17.14 -27.13
C GLN A 120 -16.38 -18.07 -26.03
N SER A 121 -15.79 -19.25 -25.88
CA SER A 121 -16.24 -20.16 -24.84
C SER A 121 -15.50 -19.98 -23.52
N VAL A 122 -14.42 -19.19 -23.50
CA VAL A 122 -13.75 -18.84 -22.25
C VAL A 122 -14.65 -17.94 -21.43
N LYS A 123 -14.87 -18.30 -20.17
CA LYS A 123 -15.68 -17.51 -19.27
C LYS A 123 -15.00 -17.18 -17.96
N MET A 124 -13.83 -17.76 -17.68
CA MET A 124 -13.24 -17.65 -16.35
C MET A 124 -11.72 -17.66 -16.49
N LEU A 125 -11.08 -16.61 -15.99
CA LEU A 125 -9.63 -16.52 -15.91
C LEU A 125 -9.19 -16.93 -14.51
N ASP A 126 -8.17 -17.78 -14.43
CA ASP A 126 -7.72 -18.36 -13.17
C ASP A 126 -6.21 -18.26 -13.15
N VAL A 127 -5.67 -17.49 -12.20
CA VAL A 127 -4.24 -17.30 -12.05
C VAL A 127 -3.85 -17.85 -10.68
N ARG A 128 -2.86 -18.74 -10.66
CA ARG A 128 -2.43 -19.36 -9.41
C ARG A 128 -0.99 -19.83 -9.53
N GLY A 129 -0.43 -20.25 -8.40
CA GLY A 129 0.89 -20.84 -8.37
C GLY A 129 1.65 -20.42 -7.12
N ASP A 130 2.93 -20.77 -7.11
CA ASP A 130 3.82 -20.31 -6.03
C ASP A 130 4.28 -18.89 -6.32
N ILE A 131 3.36 -17.95 -6.16
CA ILE A 131 3.58 -16.57 -6.59
C ILE A 131 3.00 -15.60 -5.58
N VAL A 132 3.59 -14.40 -5.54
CA VAL A 132 2.91 -13.23 -5.02
C VAL A 132 2.34 -12.47 -6.22
N LEU A 133 1.02 -12.37 -6.27
CA LEU A 133 0.31 -11.77 -7.39
C LEU A 133 -0.06 -10.34 -7.00
N THR A 134 0.44 -9.36 -7.75
CA THR A 134 0.16 -7.97 -7.37
C THR A 134 -0.94 -7.32 -8.20
N SER A 135 -1.08 -7.66 -9.48
CA SER A 135 -2.18 -7.09 -10.25
C SER A 135 -2.52 -7.97 -11.44
N VAL A 136 -3.78 -7.90 -11.85
CA VAL A 136 -4.29 -8.56 -13.04
C VAL A 136 -5.21 -7.56 -13.70
N ASP A 137 -4.89 -7.17 -14.93
CA ASP A 137 -5.69 -6.19 -15.64
C ASP A 137 -6.09 -6.76 -16.98
N THR A 138 -7.28 -6.38 -17.44
CA THR A 138 -7.76 -6.82 -18.73
C THR A 138 -8.33 -5.64 -19.51
N LEU A 139 -8.21 -5.73 -20.83
CA LEU A 139 -8.75 -4.75 -21.75
C LEU A 139 -8.95 -5.40 -23.14
N SER B 5 -21.61 -9.47 -23.61
CA SER B 5 -21.49 -8.91 -22.26
C SER B 5 -20.77 -9.87 -21.30
N LEU B 6 -20.61 -9.45 -20.04
CA LEU B 6 -19.80 -10.23 -19.11
C LEU B 6 -20.62 -11.38 -18.51
N PRO B 7 -19.95 -12.46 -18.07
CA PRO B 7 -20.69 -13.52 -17.36
C PRO B 7 -21.51 -12.96 -16.21
N ASN B 8 -22.68 -13.55 -16.01
CA ASN B 8 -23.60 -13.12 -14.96
C ASN B 8 -24.24 -14.38 -14.41
N PRO B 9 -23.93 -14.73 -13.13
CA PRO B 9 -23.10 -14.00 -12.17
C PRO B 9 -21.62 -13.85 -12.52
N TYR B 10 -21.04 -12.76 -12.01
CA TYR B 10 -19.67 -12.35 -12.26
C TYR B 10 -18.87 -12.46 -10.96
N LEU B 11 -17.68 -13.06 -11.02
CA LEU B 11 -16.78 -13.19 -9.88
C LEU B 11 -15.46 -12.50 -10.15
N GLN B 12 -14.89 -11.89 -9.10
CA GLN B 12 -13.55 -11.33 -9.20
C GLN B 12 -12.88 -11.34 -7.84
N SER B 13 -11.72 -11.98 -7.75
CA SER B 13 -10.93 -11.90 -6.52
C SER B 13 -10.47 -10.46 -6.31
N VAL B 14 -10.54 -9.98 -5.07
CA VAL B 14 -10.18 -8.60 -4.79
C VAL B 14 -9.42 -8.52 -3.48
N SER B 15 -8.68 -7.43 -3.33
CA SER B 15 -8.06 -7.04 -2.07
C SER B 15 -8.42 -5.58 -1.83
N LEU B 16 -9.32 -5.32 -0.88
CA LEU B 16 -9.78 -3.96 -0.64
C LEU B 16 -8.71 -3.14 0.09
N THR B 17 -8.88 -1.83 0.05
CA THR B 17 -8.07 -0.94 0.85
C THR B 17 -8.98 0.11 1.44
N VAL B 18 -8.34 1.03 2.15
CA VAL B 18 -8.96 2.20 2.75
C VAL B 18 -9.29 3.29 1.73
N CYS B 19 -8.86 3.13 0.48
CA CYS B 19 -9.24 4.05 -0.59
C CYS B 19 -9.34 3.21 -1.87
N TYR B 20 -10.53 2.63 -2.08
CA TYR B 20 -10.73 1.62 -3.10
C TYR B 20 -12.10 1.80 -3.73
N MET B 21 -12.18 1.60 -5.04
CA MET B 21 -13.43 1.82 -5.76
C MET B 21 -13.76 0.65 -6.66
N VAL B 22 -15.03 0.27 -6.65
CA VAL B 22 -15.63 -0.65 -7.60
C VAL B 22 -16.59 0.16 -8.45
N LYS B 23 -16.50 0.02 -9.78
CA LYS B 23 -17.45 0.64 -10.68
C LYS B 23 -18.10 -0.43 -11.54
N ILE B 24 -19.42 -0.55 -11.44
CA ILE B 24 -20.19 -1.54 -12.16
C ILE B 24 -21.07 -0.84 -13.17
N LYS B 25 -21.02 -1.26 -14.43
CA LYS B 25 -21.88 -0.72 -15.47
C LYS B 25 -22.72 -1.85 -16.04
N ALA B 26 -24.03 -1.63 -16.11
CA ALA B 26 -24.93 -2.65 -16.60
C ALA B 26 -26.23 -2.00 -17.07
N ASN B 27 -27.01 -2.78 -17.82
CA ASN B 27 -28.38 -2.40 -18.19
C ASN B 27 -29.32 -3.19 -17.30
N LEU B 28 -30.20 -2.48 -16.60
CA LEU B 28 -31.23 -3.14 -15.80
C LEU B 28 -32.29 -3.68 -16.74
N LEU B 29 -32.48 -4.99 -16.75
CA LEU B 29 -33.49 -5.62 -17.58
C LEU B 29 -34.89 -5.23 -17.10
N SER B 30 -35.87 -5.50 -17.97
CA SER B 30 -37.29 -5.31 -17.67
C SER B 30 -38.02 -6.62 -17.93
N PRO B 31 -37.85 -7.62 -17.09
CA PRO B 31 -38.54 -8.89 -17.30
C PRO B 31 -40.05 -8.73 -17.12
N PHE B 32 -40.81 -9.31 -18.04
CA PHE B 32 -42.25 -9.40 -17.88
C PHE B 32 -42.57 -10.33 -16.72
N GLY B 33 -43.46 -9.91 -15.82
CA GLY B 33 -43.94 -10.79 -14.80
C GLY B 33 -43.27 -10.66 -13.44
N LYS B 34 -42.06 -10.10 -13.38
CA LYS B 34 -41.40 -9.88 -12.10
C LYS B 34 -40.63 -8.57 -12.12
N ASN B 35 -40.16 -8.17 -10.95
CA ASN B 35 -39.31 -7.00 -10.78
C ASN B 35 -37.85 -7.41 -10.84
N PRO B 36 -37.01 -6.73 -11.61
CA PRO B 36 -35.60 -7.15 -11.71
C PRO B 36 -34.83 -6.93 -10.41
N GLU B 37 -33.92 -7.86 -10.12
CA GLU B 37 -33.10 -7.87 -8.91
C GLU B 37 -31.66 -7.56 -9.24
N LEU B 38 -30.94 -7.04 -8.25
CA LEU B 38 -29.50 -6.79 -8.35
C LEU B 38 -28.85 -7.09 -7.00
N GLN B 39 -27.71 -7.77 -7.03
CA GLN B 39 -27.06 -8.17 -5.80
C GLN B 39 -25.56 -8.12 -5.99
N VAL B 40 -24.88 -7.41 -5.10
CA VAL B 40 -23.42 -7.31 -5.10
C VAL B 40 -22.94 -7.76 -3.72
N ASP B 41 -22.05 -8.75 -3.70
CA ASP B 41 -21.47 -9.29 -2.48
C ASP B 41 -19.97 -8.97 -2.40
N PHE B 42 -19.56 -8.39 -1.28
CA PHE B 42 -18.16 -8.28 -0.90
C PHE B 42 -17.92 -9.40 0.11
N GLY B 43 -17.43 -10.55 -0.37
CA GLY B 43 -17.36 -11.76 0.42
C GLY B 43 -15.94 -12.17 0.79
N THR B 44 -15.85 -13.09 1.75
CA THR B 44 -14.56 -13.60 2.19
C THR B 44 -13.99 -14.67 1.27
N GLY B 45 -14.79 -15.19 0.34
CA GLY B 45 -14.29 -16.19 -0.58
C GLY B 45 -13.91 -17.51 0.05
N THR B 46 -14.59 -17.91 1.12
CA THR B 46 -14.23 -19.14 1.84
C THR B 46 -15.33 -20.18 1.77
N GLY B 47 -15.87 -20.45 0.58
CA GLY B 47 -16.83 -21.53 0.42
C GLY B 47 -18.28 -21.06 0.39
N GLN B 48 -19.17 -22.06 0.30
CA GLN B 48 -20.57 -21.82 -0.01
C GLN B 48 -21.26 -20.98 1.07
N GLY B 49 -21.07 -21.32 2.34
CA GLY B 49 -21.72 -20.53 3.37
C GLY B 49 -20.84 -19.53 4.07
N GLY B 50 -19.77 -19.10 3.41
CA GLY B 50 -18.75 -18.30 4.08
C GLY B 50 -19.21 -16.89 4.41
N ASP B 51 -18.43 -16.25 5.28
CA ASP B 51 -18.73 -14.89 5.72
C ASP B 51 -18.84 -13.93 4.54
N ILE B 52 -19.79 -13.01 4.64
CA ILE B 52 -19.97 -11.93 3.67
C ILE B 52 -19.99 -10.61 4.40
N PRO B 53 -18.88 -9.86 4.42
CA PRO B 53 -18.87 -8.57 5.12
C PRO B 53 -19.89 -7.56 4.63
N PHE B 54 -20.28 -7.59 3.35
CA PHE B 54 -21.21 -6.58 2.84
C PHE B 54 -21.95 -7.17 1.65
N ARG B 55 -23.27 -7.30 1.77
CA ARG B 55 -24.15 -7.61 0.65
C ARG B 55 -25.03 -6.41 0.37
N PHE B 56 -25.03 -5.96 -0.88
CA PHE B 56 -25.91 -4.91 -1.37
C PHE B 56 -26.96 -5.55 -2.28
N TRP B 57 -28.23 -5.36 -1.96
CA TRP B 57 -29.30 -5.96 -2.75
C TRP B 57 -30.31 -4.88 -3.10
N TYR B 58 -30.83 -4.93 -4.32
CA TYR B 58 -31.83 -3.98 -4.74
C TYR B 58 -32.94 -4.70 -5.49
N CYS B 59 -34.18 -4.28 -5.22
CA CYS B 59 -35.30 -4.68 -6.06
C CYS B 59 -36.49 -3.79 -5.79
N ASP B 60 -37.11 -3.27 -6.86
CA ASP B 60 -38.44 -2.65 -6.78
C ASP B 60 -38.45 -1.48 -5.81
N GLY B 61 -37.50 -0.57 -5.98
CA GLY B 61 -37.41 0.63 -5.18
C GLY B 61 -36.74 0.48 -3.83
N ILE B 62 -36.27 -0.72 -3.47
CA ILE B 62 -35.79 -0.99 -2.11
C ILE B 62 -34.34 -1.47 -2.15
N VAL B 63 -33.49 -0.82 -1.38
CA VAL B 63 -32.13 -1.28 -1.12
C VAL B 63 -32.10 -2.00 0.21
N VAL B 64 -31.50 -3.19 0.23
CA VAL B 64 -31.25 -3.92 1.47
C VAL B 64 -29.74 -4.18 1.55
N MET B 65 -29.16 -3.91 2.71
CA MET B 65 -27.74 -4.18 2.97
C MET B 65 -27.61 -5.00 4.26
N ASN B 66 -26.68 -5.95 4.27
CA ASN B 66 -26.51 -6.80 5.45
C ASN B 66 -25.15 -7.49 5.43
N THR B 67 -24.85 -8.15 6.53
CA THR B 67 -23.60 -8.85 6.74
C THR B 67 -23.92 -10.29 7.14
N LEU B 68 -23.21 -11.23 6.53
CA LEU B 68 -23.34 -12.63 6.88
C LEU B 68 -22.13 -13.04 7.71
N LYS B 69 -22.36 -13.49 8.94
CA LYS B 69 -21.25 -13.82 9.84
C LYS B 69 -21.57 -15.11 10.60
N ASP B 70 -20.67 -16.09 10.46
CA ASP B 70 -20.78 -17.36 11.19
C ASP B 70 -22.14 -18.00 10.96
N GLY B 71 -22.63 -17.90 9.72
CA GLY B 71 -23.87 -18.52 9.34
C GLY B 71 -25.11 -17.74 9.69
N SER B 72 -24.98 -16.55 10.26
CA SER B 72 -26.13 -15.72 10.61
C SER B 72 -26.08 -14.40 9.89
N TRP B 73 -27.17 -14.10 9.17
CA TRP B 73 -27.35 -12.77 8.62
C TRP B 73 -27.71 -11.79 9.73
N GLY B 74 -27.14 -10.60 9.66
CA GLY B 74 -27.35 -9.59 10.68
C GLY B 74 -28.65 -8.82 10.53
N LYS B 75 -28.70 -7.66 11.19
CA LYS B 75 -29.87 -6.80 11.11
C LYS B 75 -29.76 -5.95 9.84
N GLU B 76 -30.69 -6.16 8.90
CA GLU B 76 -30.69 -5.45 7.63
C GLU B 76 -30.82 -3.95 7.80
N GLN B 77 -30.16 -3.21 6.90
CA GLN B 77 -30.41 -1.80 6.69
C GLN B 77 -31.17 -1.65 5.39
N LYS B 78 -32.36 -1.08 5.46
CA LYS B 78 -33.25 -1.00 4.30
C LYS B 78 -33.64 0.44 4.07
N LEU B 79 -33.71 0.84 2.81
CA LEU B 79 -34.09 2.19 2.45
C LEU B 79 -34.66 2.17 1.03
N HIS B 80 -35.33 3.26 0.66
CA HIS B 80 -35.97 3.37 -0.63
C HIS B 80 -35.19 4.30 -1.54
N THR B 81 -35.15 3.96 -2.83
CA THR B 81 -34.49 4.79 -3.82
C THR B 81 -35.19 4.63 -5.16
N GLU B 82 -35.15 5.71 -5.95
CA GLU B 82 -35.60 5.68 -7.33
C GLU B 82 -34.43 5.69 -8.32
N ALA B 83 -33.22 5.40 -7.85
CA ALA B 83 -32.05 5.54 -8.72
C ALA B 83 -32.05 4.55 -9.88
N PHE B 84 -32.69 3.39 -9.73
CA PHE B 84 -32.63 2.32 -10.72
C PHE B 84 -33.93 2.28 -11.54
N VAL B 85 -33.82 2.52 -12.84
CA VAL B 85 -34.96 2.51 -13.75
C VAL B 85 -34.89 1.26 -14.61
N PRO B 86 -35.89 0.36 -14.57
CA PRO B 86 -35.80 -0.85 -15.40
C PRO B 86 -35.78 -0.45 -16.87
N GLY B 87 -35.04 -1.24 -17.65
CA GLY B 87 -34.78 -0.90 -19.03
C GLY B 87 -33.75 0.18 -19.27
N GLN B 88 -33.07 0.67 -18.23
CA GLN B 88 -32.09 1.74 -18.40
C GLN B 88 -30.69 1.28 -18.00
N PRO B 89 -29.65 1.77 -18.67
CA PRO B 89 -28.29 1.55 -18.16
C PRO B 89 -28.08 2.28 -16.85
N PHE B 90 -27.26 1.68 -15.99
CA PHE B 90 -26.86 2.36 -14.77
C PHE B 90 -25.38 2.16 -14.51
N GLU B 91 -24.85 3.01 -13.65
CA GLU B 91 -23.46 2.93 -13.22
C GLU B 91 -23.51 2.89 -11.70
N LEU B 92 -23.04 1.79 -11.13
CA LEU B 92 -23.10 1.56 -9.69
C LEU B 92 -21.68 1.57 -9.15
N GLN B 93 -21.42 2.45 -8.19
CA GLN B 93 -20.09 2.60 -7.62
C GLN B 93 -20.11 2.29 -6.13
N PHE B 94 -19.11 1.52 -5.69
CA PHE B 94 -18.87 1.29 -4.28
C PHE B 94 -17.52 1.87 -3.94
N LEU B 95 -17.51 2.75 -2.97
CA LEU B 95 -16.29 3.39 -2.51
C LEU B 95 -15.99 2.82 -1.12
N VAL B 96 -14.82 2.19 -0.98
CA VAL B 96 -14.42 1.59 0.29
C VAL B 96 -13.50 2.57 0.99
N LEU B 97 -13.93 3.04 2.16
CA LEU B 97 -13.12 3.89 3.03
C LEU B 97 -12.86 3.16 4.34
N GLU B 98 -12.09 3.83 5.21
CA GLU B 98 -11.72 3.27 6.51
C GLU B 98 -12.96 2.87 7.33
N ASN B 99 -13.98 3.71 7.32
CA ASN B 99 -15.14 3.58 8.20
C ASN B 99 -16.36 2.94 7.55
N GLU B 100 -16.44 2.93 6.22
CA GLU B 100 -17.70 2.60 5.59
C GLU B 100 -17.47 2.29 4.12
N TYR B 101 -18.47 1.66 3.51
CA TYR B 101 -18.69 1.72 2.08
C TYR B 101 -19.64 2.88 1.79
N GLN B 102 -19.41 3.59 0.68
CA GLN B 102 -20.35 4.58 0.18
C GLN B 102 -20.86 4.11 -1.17
N VAL B 103 -22.15 4.31 -1.42
CA VAL B 103 -22.82 3.78 -2.59
C VAL B 103 -23.29 4.94 -3.46
N PHE B 104 -22.93 4.91 -4.74
CA PHE B 104 -23.36 5.89 -5.71
C PHE B 104 -23.97 5.18 -6.90
N VAL B 105 -24.95 5.82 -7.50
CA VAL B 105 -25.61 5.31 -8.70
C VAL B 105 -25.77 6.48 -9.67
N ASN B 106 -25.29 6.32 -10.89
CA ASN B 106 -25.32 7.37 -11.89
C ASN B 106 -24.81 8.69 -11.32
N ASN B 107 -23.66 8.62 -10.64
CA ASN B 107 -22.94 9.77 -10.08
C ASN B 107 -23.70 10.49 -8.98
N LYS B 108 -24.67 9.84 -8.34
CA LYS B 108 -25.38 10.45 -7.22
C LYS B 108 -25.25 9.60 -5.96
N PRO B 109 -25.01 10.22 -4.80
CA PRO B 109 -24.90 9.44 -3.55
C PRO B 109 -26.25 8.80 -3.19
N ILE B 110 -26.22 7.52 -2.82
CA ILE B 110 -27.41 6.80 -2.36
C ILE B 110 -27.40 6.61 -0.84
N CYS B 111 -26.40 5.88 -0.33
CA CYS B 111 -26.38 5.51 1.07
C CYS B 111 -24.96 5.06 1.43
N GLN B 112 -24.77 4.70 2.70
CA GLN B 112 -23.49 4.16 3.14
C GLN B 112 -23.75 2.98 4.06
N PHE B 113 -22.68 2.23 4.32
CA PHE B 113 -22.75 1.03 5.13
C PHE B 113 -21.48 0.93 5.96
N ALA B 114 -21.60 1.14 7.26
CA ALA B 114 -20.44 1.07 8.14
C ALA B 114 -19.94 -0.36 8.22
N HIS B 115 -18.61 -0.52 8.24
CA HIS B 115 -18.02 -1.85 8.29
C HIS B 115 -18.45 -2.59 9.54
N ARG B 116 -18.87 -3.82 9.35
CA ARG B 116 -19.18 -4.74 10.42
C ARG B 116 -18.14 -5.83 10.56
N LEU B 117 -17.59 -6.30 9.45
CA LEU B 117 -16.41 -7.13 9.42
C LEU B 117 -15.26 -6.36 8.77
N PRO B 118 -14.01 -6.70 9.07
CA PRO B 118 -12.88 -5.95 8.52
C PRO B 118 -12.88 -5.97 6.99
N LEU B 119 -12.69 -4.80 6.40
CA LEU B 119 -12.62 -4.73 4.94
C LEU B 119 -11.48 -5.59 4.43
N GLN B 120 -10.44 -5.77 5.25
CA GLN B 120 -9.30 -6.61 4.91
C GLN B 120 -9.68 -8.07 4.71
N SER B 121 -10.86 -8.49 5.21
CA SER B 121 -11.26 -9.89 5.08
C SER B 121 -11.91 -10.19 3.73
N VAL B 122 -12.31 -9.16 2.99
CA VAL B 122 -12.99 -9.37 1.70
C VAL B 122 -12.00 -9.91 0.69
N LYS B 123 -12.32 -11.04 0.08
CA LYS B 123 -11.46 -11.64 -0.93
C LYS B 123 -12.12 -11.81 -2.29
N MET B 124 -13.42 -11.55 -2.41
CA MET B 124 -14.18 -12.01 -3.56
C MET B 124 -15.38 -11.10 -3.78
N LEU B 125 -15.44 -10.50 -4.97
CA LEU B 125 -16.58 -9.69 -5.40
C LEU B 125 -17.47 -10.53 -6.29
N ASP B 126 -18.77 -10.53 -6.01
CA ASP B 126 -19.76 -11.28 -6.76
C ASP B 126 -20.83 -10.31 -7.23
N VAL B 127 -21.12 -10.29 -8.53
CA VAL B 127 -22.12 -9.38 -9.08
C VAL B 127 -23.11 -10.22 -9.87
N ARG B 128 -24.41 -10.03 -9.61
CA ARG B 128 -25.42 -10.76 -10.36
C ARG B 128 -26.74 -10.01 -10.33
N GLY B 129 -27.65 -10.42 -11.20
CA GLY B 129 -29.01 -9.95 -11.16
C GLY B 129 -29.67 -10.03 -12.52
N ASP B 130 -30.87 -9.47 -12.60
CA ASP B 130 -31.57 -9.34 -13.89
C ASP B 130 -31.01 -8.12 -14.60
N ILE B 131 -29.79 -8.29 -15.10
CA ILE B 131 -29.00 -7.22 -15.71
C ILE B 131 -28.23 -7.79 -16.89
N VAL B 132 -27.88 -6.90 -17.82
CA VAL B 132 -26.84 -7.19 -18.78
C VAL B 132 -25.59 -6.46 -18.28
N LEU B 133 -24.60 -7.23 -17.84
CA LEU B 133 -23.42 -6.67 -17.17
C LEU B 133 -22.38 -6.33 -18.24
N THR B 134 -22.05 -5.05 -18.35
CA THR B 134 -21.15 -4.64 -19.42
C THR B 134 -19.72 -4.41 -18.94
N SER B 135 -19.52 -3.91 -17.72
CA SER B 135 -18.16 -3.80 -17.22
C SER B 135 -18.12 -3.74 -15.71
N VAL B 136 -17.03 -4.24 -15.16
CA VAL B 136 -16.70 -4.13 -13.75
C VAL B 136 -15.24 -3.68 -13.67
N ASP B 137 -15.00 -2.57 -13.00
CA ASP B 137 -13.66 -2.04 -12.86
C ASP B 137 -13.36 -1.76 -11.38
N THR B 138 -12.11 -1.92 -11.01
CA THR B 138 -11.67 -1.58 -9.67
C THR B 138 -10.39 -0.75 -9.76
N LEU B 139 -10.19 0.12 -8.77
CA LEU B 139 -8.96 0.90 -8.69
C LEU B 139 -8.65 1.19 -7.21
N SER C 5 -48.33 27.94 16.91
CA SER C 5 -47.74 26.62 16.70
C SER C 5 -47.20 26.03 18.00
N LEU C 6 -46.70 24.80 17.95
CA LEU C 6 -46.26 24.13 19.16
C LEU C 6 -44.89 24.64 19.61
N PRO C 7 -44.56 24.50 20.90
CA PRO C 7 -43.20 24.81 21.35
C PRO C 7 -42.15 24.03 20.59
N ASN C 8 -40.98 24.64 20.46
CA ASN C 8 -39.86 24.08 19.71
C ASN C 8 -38.56 24.50 20.42
N PRO C 9 -37.88 23.55 21.06
CA PRO C 9 -38.17 22.11 21.09
C PRO C 9 -39.48 21.67 21.77
N TYR C 10 -39.96 20.52 21.33
CA TYR C 10 -41.19 19.90 21.80
C TYR C 10 -40.83 18.62 22.54
N LEU C 11 -41.30 18.48 23.78
CA LEU C 11 -41.11 17.27 24.56
C LEU C 11 -42.45 16.60 24.84
N GLN C 12 -42.44 15.27 24.87
CA GLN C 12 -43.60 14.50 25.30
C GLN C 12 -43.12 13.18 25.88
N SER C 13 -43.48 12.92 27.14
CA SER C 13 -43.27 11.59 27.72
C SER C 13 -44.07 10.55 26.96
N VAL C 14 -43.43 9.40 26.68
CA VAL C 14 -44.02 8.33 25.88
C VAL C 14 -43.72 6.98 26.51
N SER C 15 -44.52 5.99 26.13
CA SER C 15 -44.24 4.58 26.42
C SER C 15 -44.50 3.80 25.14
N LEU C 16 -43.44 3.39 24.45
CA LEU C 16 -43.56 2.77 23.13
C LEU C 16 -44.02 1.33 23.26
N THR C 17 -44.55 0.80 22.15
CA THR C 17 -44.92 -0.61 22.05
C THR C 17 -44.44 -1.15 20.71
N VAL C 18 -44.77 -2.41 20.48
CA VAL C 18 -44.45 -3.14 19.26
C VAL C 18 -45.38 -2.78 18.11
N CYS C 19 -46.32 -1.87 18.35
CA CYS C 19 -47.22 -1.36 17.32
C CYS C 19 -47.58 0.05 17.78
N TYR C 20 -46.74 1.01 17.40
CA TYR C 20 -46.82 2.37 17.93
C TYR C 20 -46.46 3.36 16.83
N MET C 21 -47.21 4.47 16.76
CA MET C 21 -47.02 5.45 15.71
C MET C 21 -46.83 6.84 16.30
N VAL C 22 -45.84 7.57 15.77
CA VAL C 22 -45.66 9.00 15.98
C VAL C 22 -45.90 9.71 14.65
N LYS C 23 -46.77 10.71 14.64
CA LYS C 23 -47.01 11.50 13.43
C LYS C 23 -46.73 12.97 13.71
N ILE C 24 -45.82 13.54 12.93
CA ILE C 24 -45.35 14.91 13.09
C ILE C 24 -45.74 15.69 11.85
N LYS C 25 -46.35 16.85 12.05
CA LYS C 25 -46.67 17.78 10.96
C LYS C 25 -45.96 19.11 11.23
N ALA C 26 -45.22 19.58 10.23
CA ALA C 26 -44.38 20.76 10.42
C ALA C 26 -44.05 21.36 9.07
N ASN C 27 -43.67 22.64 9.09
CA ASN C 27 -43.13 23.33 7.91
C ASN C 27 -41.63 23.52 8.11
N LEU C 28 -40.85 23.10 7.12
CA LEU C 28 -39.41 23.33 7.17
C LEU C 28 -39.15 24.79 6.81
N LEU C 29 -38.40 25.49 7.66
CA LEU C 29 -38.15 26.90 7.42
C LEU C 29 -37.19 27.10 6.26
N SER C 30 -36.90 28.37 5.97
CA SER C 30 -35.91 28.76 4.95
C SER C 30 -35.01 29.83 5.54
N PRO C 31 -34.21 29.48 6.56
CA PRO C 31 -33.40 30.50 7.24
C PRO C 31 -32.23 30.97 6.38
N LYS C 34 -28.35 29.45 6.06
CA LYS C 34 -28.35 28.17 6.77
C LYS C 34 -29.33 27.17 6.16
N ASN C 35 -28.88 25.92 5.99
CA ASN C 35 -29.82 24.85 5.62
C ASN C 35 -30.60 24.42 6.86
N PRO C 36 -31.93 24.32 6.78
CA PRO C 36 -32.71 23.99 7.98
C PRO C 36 -32.54 22.53 8.39
N GLU C 37 -32.54 22.31 9.70
CA GLU C 37 -32.35 21.00 10.29
C GLU C 37 -33.63 20.50 10.94
N LEU C 38 -33.73 19.19 11.06
CA LEU C 38 -34.83 18.53 11.73
C LEU C 38 -34.24 17.42 12.60
N GLN C 39 -34.64 17.35 13.86
CA GLN C 39 -34.12 16.32 14.74
C GLN C 39 -35.21 15.77 15.63
N VAL C 40 -35.35 14.45 15.64
CA VAL C 40 -36.32 13.73 16.47
C VAL C 40 -35.56 12.70 17.29
N ASP C 41 -35.67 12.80 18.62
CA ASP C 41 -35.03 11.86 19.54
C ASP C 41 -36.08 10.99 20.22
N PHE C 42 -35.87 9.68 20.16
CA PHE C 42 -36.54 8.74 21.05
C PHE C 42 -35.54 8.46 22.17
N GLY C 43 -35.71 9.15 23.30
CA GLY C 43 -34.73 9.16 24.36
C GLY C 43 -35.20 8.51 25.66
N THR C 44 -34.23 8.25 26.54
CA THR C 44 -34.55 7.59 27.80
C THR C 44 -35.17 8.55 28.80
N GLY C 45 -35.03 9.85 28.61
CA GLY C 45 -35.54 10.82 29.57
C GLY C 45 -34.88 10.68 30.93
N THR C 46 -33.55 10.68 30.93
CA THR C 46 -32.74 10.61 32.14
C THR C 46 -31.83 11.84 32.24
N GLY C 47 -32.30 12.97 31.72
CA GLY C 47 -31.54 14.20 31.79
C GLY C 47 -30.39 14.25 30.80
N GLN C 48 -29.63 15.36 30.92
CA GLN C 48 -28.43 15.72 30.16
C GLN C 48 -27.96 14.71 29.12
N GLY C 49 -27.01 13.84 29.48
CA GLY C 49 -26.41 12.96 28.48
C GLY C 49 -26.90 11.52 28.53
N GLY C 50 -28.17 11.32 28.84
CA GLY C 50 -28.73 9.99 28.92
C GLY C 50 -28.81 9.30 27.57
N ASP C 51 -29.01 7.99 27.62
CA ASP C 51 -29.08 7.19 26.40
C ASP C 51 -30.18 7.71 25.47
N ILE C 52 -29.91 7.63 24.17
CA ILE C 52 -30.90 7.92 23.14
C ILE C 52 -30.96 6.71 22.21
N PRO C 53 -31.97 5.85 22.37
CA PRO C 53 -32.05 4.68 21.49
C PRO C 53 -32.09 4.98 20.00
N PHE C 54 -32.67 6.12 19.60
CA PHE C 54 -32.86 6.41 18.17
C PHE C 54 -32.95 7.92 18.01
N ARG C 55 -31.94 8.51 17.38
CA ARG C 55 -32.01 9.89 16.91
C ARG C 55 -32.17 9.86 15.40
N PHE C 56 -33.20 10.53 14.91
CA PHE C 56 -33.40 10.80 13.49
C PHE C 56 -33.04 12.25 13.22
N TRP C 57 -32.16 12.48 12.26
CA TRP C 57 -31.68 13.81 11.92
C TRP C 57 -31.70 13.99 10.41
N TYR C 58 -32.18 15.16 9.97
CA TYR C 58 -32.24 15.48 8.55
C TYR C 58 -31.71 16.89 8.28
N CYS C 59 -30.95 17.02 7.20
CA CYS C 59 -30.55 18.33 6.70
C CYS C 59 -30.05 18.19 5.27
N ASP C 60 -30.52 19.08 4.40
CA ASP C 60 -29.92 19.28 3.08
C ASP C 60 -29.84 17.97 2.30
N GLY C 61 -30.96 17.24 2.26
CA GLY C 61 -31.06 16.00 1.52
C GLY C 61 -30.43 14.78 2.15
N ILE C 62 -29.98 14.87 3.40
CA ILE C 62 -29.29 13.77 4.06
C ILE C 62 -30.00 13.42 5.37
N VAL C 63 -30.31 12.13 5.53
CA VAL C 63 -30.81 11.58 6.79
C VAL C 63 -29.67 10.89 7.51
N VAL C 64 -29.56 11.15 8.83
CA VAL C 64 -28.60 10.50 9.71
C VAL C 64 -29.34 9.92 10.90
N MET C 65 -29.14 8.62 11.14
CA MET C 65 -29.76 7.92 12.27
C MET C 65 -28.68 7.29 13.13
N ASN C 66 -28.86 7.36 14.44
CA ASN C 66 -27.82 6.86 15.33
C ASN C 66 -28.37 6.66 16.73
N THR C 67 -27.54 6.03 17.57
CA THR C 67 -27.89 5.68 18.94
C THR C 67 -26.81 6.22 19.87
N LEU C 68 -27.24 6.83 20.97
CA LEU C 68 -26.36 7.26 22.04
C LEU C 68 -26.48 6.27 23.19
N LYS C 69 -25.37 5.61 23.52
CA LYS C 69 -25.32 4.58 24.56
C LYS C 69 -24.08 4.81 25.43
N ASP C 70 -24.31 5.06 26.72
CA ASP C 70 -23.23 5.22 27.69
C ASP C 70 -22.24 6.30 27.27
N GLY C 71 -22.75 7.45 26.87
CA GLY C 71 -21.91 8.56 26.48
C GLY C 71 -21.26 8.43 25.11
N SER C 72 -21.55 7.39 24.35
CA SER C 72 -20.91 7.16 23.06
C SER C 72 -21.96 7.05 21.95
N TRP C 73 -21.81 7.89 20.94
CA TRP C 73 -22.61 7.75 19.74
C TRP C 73 -22.09 6.58 18.90
N GLY C 74 -23.01 5.88 18.24
CA GLY C 74 -22.69 4.69 17.51
C GLY C 74 -22.23 4.97 16.10
N LYS C 75 -22.29 3.93 15.26
CA LYS C 75 -21.99 4.06 13.84
C LYS C 75 -23.24 4.56 13.12
N GLU C 76 -23.16 5.78 12.60
CA GLU C 76 -24.26 6.41 11.88
C GLU C 76 -24.74 5.55 10.70
N GLN C 77 -26.04 5.63 10.43
CA GLN C 77 -26.61 5.21 9.16
C GLN C 77 -27.01 6.48 8.40
N LYS C 78 -26.40 6.68 7.23
CA LYS C 78 -26.62 7.86 6.41
C LYS C 78 -27.19 7.43 5.08
N LEU C 79 -28.13 8.22 4.57
CA LEU C 79 -28.70 7.99 3.25
C LEU C 79 -29.25 9.30 2.73
N HIS C 80 -29.49 9.34 1.43
CA HIS C 80 -29.95 10.55 0.79
C HIS C 80 -31.44 10.46 0.49
N THR C 81 -32.13 11.59 0.59
CA THR C 81 -33.55 11.62 0.30
C THR C 81 -33.94 13.01 -0.19
N GLU C 82 -34.93 13.04 -1.06
CA GLU C 82 -35.51 14.30 -1.51
C GLU C 82 -36.91 14.52 -0.95
N ALA C 83 -37.29 13.78 0.09
CA ALA C 83 -38.68 13.83 0.56
C ALA C 83 -39.05 15.18 1.18
N PHE C 84 -38.08 15.90 1.75
CA PHE C 84 -38.33 17.19 2.43
C PHE C 84 -37.99 18.33 1.48
N VAL C 85 -39.00 19.05 0.98
CA VAL C 85 -38.78 20.29 0.25
C VAL C 85 -38.87 21.45 1.24
N PRO C 86 -37.83 22.27 1.37
CA PRO C 86 -37.92 23.39 2.32
C PRO C 86 -39.02 24.37 1.90
N GLY C 87 -39.62 25.00 2.92
CA GLY C 87 -40.76 25.86 2.71
C GLY C 87 -42.08 25.14 2.57
N GLN C 88 -42.08 23.82 2.35
CA GLN C 88 -43.33 23.08 2.21
C GLN C 88 -43.65 22.31 3.50
N PRO C 89 -44.92 22.24 3.88
CA PRO C 89 -45.30 21.43 5.04
C PRO C 89 -45.11 19.96 4.71
N PHE C 90 -44.65 19.19 5.70
CA PHE C 90 -44.46 17.76 5.53
C PHE C 90 -45.17 17.02 6.65
N GLU C 91 -45.41 15.74 6.41
CA GLU C 91 -45.90 14.82 7.44
C GLU C 91 -44.83 13.76 7.65
N LEU C 92 -44.32 13.67 8.87
CA LEU C 92 -43.28 12.69 9.21
C LEU C 92 -43.87 11.66 10.17
N GLN C 93 -43.79 10.38 9.80
CA GLN C 93 -44.28 9.30 10.64
C GLN C 93 -43.15 8.35 11.02
N PHE C 94 -43.10 7.99 12.30
CA PHE C 94 -42.26 6.92 12.81
C PHE C 94 -43.19 5.78 13.23
N LEU C 95 -42.95 4.59 12.69
CA LEU C 95 -43.70 3.40 13.05
C LEU C 95 -42.79 2.50 13.87
N VAL C 96 -43.16 2.27 15.13
CA VAL C 96 -42.37 1.43 16.04
C VAL C 96 -42.92 0.01 15.99
N LEU C 97 -42.10 -0.92 15.49
CA LEU C 97 -42.40 -2.33 15.42
C LEU C 97 -41.41 -3.09 16.30
N GLU C 98 -41.62 -4.39 16.44
CA GLU C 98 -40.78 -5.17 17.34
C GLU C 98 -39.32 -5.15 16.91
N ASN C 99 -39.05 -5.09 15.61
CA ASN C 99 -37.69 -5.21 15.09
C ASN C 99 -37.05 -3.88 14.69
N GLU C 100 -37.84 -2.82 14.50
CA GLU C 100 -37.30 -1.67 13.81
C GLU C 100 -38.26 -0.51 13.97
N TYR C 101 -37.73 0.70 13.78
CA TYR C 101 -38.53 1.87 13.44
C TYR C 101 -38.61 1.94 11.92
N GLN C 102 -39.80 2.31 11.42
CA GLN C 102 -39.98 2.64 10.01
C GLN C 102 -40.33 4.11 9.87
N VAL C 103 -39.70 4.78 8.90
CA VAL C 103 -39.86 6.20 8.69
C VAL C 103 -40.63 6.39 7.39
N PHE C 104 -41.64 7.25 7.44
CA PHE C 104 -42.43 7.65 6.28
C PHE C 104 -42.48 9.17 6.23
N VAL C 105 -42.45 9.72 5.02
CA VAL C 105 -42.63 11.15 4.83
C VAL C 105 -43.65 11.35 3.73
N ASN C 106 -44.72 12.08 4.04
CA ASN C 106 -45.80 12.35 3.09
C ASN C 106 -46.35 11.05 2.49
N ASN C 107 -46.60 10.09 3.38
CA ASN C 107 -47.14 8.77 3.04
C ASN C 107 -46.20 7.93 2.19
N LYS C 108 -44.92 8.31 2.06
CA LYS C 108 -44.03 7.41 1.32
C LYS C 108 -42.97 6.83 2.25
N PRO C 109 -42.58 5.55 2.10
CA PRO C 109 -41.53 5.00 2.95
C PRO C 109 -40.16 5.53 2.56
N ILE C 110 -39.35 5.86 3.56
CA ILE C 110 -38.02 6.40 3.36
C ILE C 110 -36.96 5.38 3.74
N CYS C 111 -37.00 4.89 4.97
CA CYS C 111 -35.92 4.04 5.49
C CYS C 111 -36.41 3.39 6.78
N GLN C 112 -35.55 2.58 7.39
CA GLN C 112 -35.83 1.95 8.67
C GLN C 112 -34.60 2.01 9.57
N PHE C 113 -34.78 1.65 10.84
CA PHE C 113 -33.68 1.67 11.81
C PHE C 113 -33.91 0.53 12.79
N ALA C 114 -33.08 -0.51 12.68
CA ALA C 114 -33.17 -1.64 13.58
C ALA C 114 -32.88 -1.19 15.00
N HIS C 115 -33.67 -1.69 15.95
CA HIS C 115 -33.43 -1.35 17.35
C HIS C 115 -32.03 -1.75 17.75
N ARG C 116 -31.30 -0.80 18.34
CA ARG C 116 -30.04 -1.06 19.01
C ARG C 116 -30.19 -1.13 20.52
N LEU C 117 -31.10 -0.36 21.09
CA LEU C 117 -31.50 -0.40 22.49
C LEU C 117 -32.98 -0.73 22.58
N PRO C 118 -33.43 -1.33 23.68
CA PRO C 118 -34.84 -1.75 23.76
C PRO C 118 -35.79 -0.57 23.58
N LEU C 119 -36.78 -0.77 22.71
CA LEU C 119 -37.83 0.24 22.57
C LEU C 119 -38.53 0.50 23.90
N GLN C 120 -38.57 -0.50 24.79
CA GLN C 120 -39.14 -0.30 26.12
C GLN C 120 -38.41 0.76 26.93
N SER C 121 -37.17 1.11 26.57
CA SER C 121 -36.45 2.08 27.38
C SER C 121 -36.68 3.51 26.94
N VAL C 122 -37.34 3.71 25.81
CA VAL C 122 -37.67 5.07 25.40
C VAL C 122 -38.76 5.61 26.31
N LYS C 123 -38.50 6.79 26.89
CA LYS C 123 -39.44 7.44 27.78
C LYS C 123 -39.77 8.86 27.39
N MET C 124 -39.09 9.42 26.39
CA MET C 124 -39.20 10.85 26.12
C MET C 124 -39.02 11.10 24.63
N LEU C 125 -40.03 11.73 24.02
CA LEU C 125 -39.97 12.17 22.63
C LEU C 125 -39.57 13.64 22.58
N ASP C 126 -38.60 13.96 21.73
CA ASP C 126 -38.08 15.32 21.60
C ASP C 126 -38.06 15.67 20.12
N VAL C 127 -38.73 16.75 19.73
CA VAL C 127 -38.80 17.19 18.35
C VAL C 127 -38.32 18.64 18.27
N ARG C 128 -37.38 18.91 17.37
CA ARG C 128 -36.82 20.25 17.28
C ARG C 128 -36.19 20.43 15.91
N GLY C 129 -35.80 21.66 15.63
CA GLY C 129 -35.13 21.98 14.39
C GLY C 129 -35.57 23.33 13.88
N ASP C 130 -35.22 23.62 12.63
CA ASP C 130 -35.63 24.85 11.95
C ASP C 130 -36.95 24.62 11.25
N ILE C 131 -37.99 24.49 12.06
CA ILE C 131 -39.33 24.15 11.60
C ILE C 131 -40.33 24.99 12.36
N VAL C 132 -41.51 25.16 11.76
CA VAL C 132 -42.71 25.52 12.49
C VAL C 132 -43.46 24.21 12.75
N LEU C 133 -43.55 23.82 14.02
CA LEU C 133 -44.12 22.54 14.41
C LEU C 133 -45.62 22.72 14.63
N THR C 134 -46.44 22.08 13.81
CA THR C 134 -47.88 22.31 13.95
C THR C 134 -48.62 21.23 14.74
N SER C 135 -48.20 19.97 14.67
CA SER C 135 -48.83 18.98 15.52
C SER C 135 -47.91 17.78 15.72
N VAL C 136 -48.08 17.12 16.86
CA VAL C 136 -47.42 15.85 17.16
C VAL C 136 -48.49 14.93 17.76
N ASP C 137 -48.72 13.79 17.12
CA ASP C 137 -49.70 12.83 17.57
C ASP C 137 -49.07 11.45 17.75
N THR C 138 -49.58 10.69 18.71
CA THR C 138 -49.12 9.34 18.99
C THR C 138 -50.31 8.43 19.23
N LEU C 139 -50.14 7.16 18.84
CA LEU C 139 -51.18 6.15 19.08
C LEU C 139 -50.56 4.78 19.30
N SER D 5 9.34 4.10 -18.67
CA SER D 5 8.50 4.94 -17.81
C SER D 5 7.67 5.92 -18.62
N LEU D 6 6.73 6.64 -17.94
CA LEU D 6 5.80 7.53 -18.62
C LEU D 6 6.45 8.90 -18.84
N PRO D 7 6.00 9.64 -19.85
CA PRO D 7 6.50 11.01 -20.01
C PRO D 7 6.28 11.78 -18.72
N ASN D 8 7.23 12.68 -18.45
CA ASN D 8 7.26 13.48 -17.23
C ASN D 8 7.79 14.83 -17.67
N PRO D 9 6.93 15.88 -17.66
CA PRO D 9 5.53 15.91 -17.22
C PRO D 9 4.54 15.05 -18.02
N TYR D 10 3.52 14.57 -17.31
CA TYR D 10 2.46 13.72 -17.82
C TYR D 10 1.15 14.51 -17.86
N LEU D 11 0.46 14.44 -18.99
CA LEU D 11 -0.83 15.11 -19.19
C LEU D 11 -1.92 14.07 -19.43
N GLN D 12 -3.13 14.36 -18.94
CA GLN D 12 -4.29 13.55 -19.30
C GLN D 12 -5.57 14.37 -19.18
N SER D 13 -6.29 14.54 -20.27
CA SER D 13 -7.64 15.12 -20.17
C SER D 13 -8.49 14.25 -19.26
N VAL D 14 -9.32 14.90 -18.44
CA VAL D 14 -10.16 14.21 -17.48
C VAL D 14 -11.52 14.92 -17.39
N SER D 15 -12.47 14.22 -16.79
CA SER D 15 -13.73 14.81 -16.36
C SER D 15 -14.04 14.21 -14.99
N LEU D 16 -14.01 15.03 -13.95
CA LEU D 16 -14.15 14.52 -12.61
C LEU D 16 -15.62 14.31 -12.27
N THR D 17 -15.85 13.59 -11.19
CA THR D 17 -17.18 13.40 -10.65
C THR D 17 -17.08 13.45 -9.15
N VAL D 18 -18.25 13.25 -8.50
CA VAL D 18 -18.35 13.25 -7.05
C VAL D 18 -17.84 11.96 -6.43
N CYS D 19 -17.39 11.01 -7.25
CA CYS D 19 -16.79 9.76 -6.79
C CYS D 19 -15.84 9.33 -7.90
N TYR D 20 -14.59 9.79 -7.81
CA TYR D 20 -13.60 9.73 -8.88
C TYR D 20 -12.23 9.56 -8.25
N MET D 21 -11.43 8.67 -8.80
CA MET D 21 -10.14 8.37 -8.20
C MET D 21 -9.01 8.49 -9.19
N VAL D 22 -7.91 9.08 -8.74
CA VAL D 22 -6.65 9.12 -9.46
C VAL D 22 -5.62 8.36 -8.64
N LYS D 23 -4.90 7.44 -9.28
CA LYS D 23 -3.84 6.70 -8.61
C LYS D 23 -2.55 6.84 -9.42
N ILE D 24 -1.53 7.36 -8.76
CA ILE D 24 -0.23 7.64 -9.36
C ILE D 24 0.79 6.72 -8.70
N LYS D 25 1.58 6.04 -9.51
CA LYS D 25 2.70 5.24 -9.02
C LYS D 25 3.97 5.77 -9.64
N ALA D 26 4.96 6.05 -8.79
CA ALA D 26 6.19 6.70 -9.21
C ALA D 26 7.28 6.36 -8.20
N ASN D 27 8.53 6.47 -8.66
CA ASN D 27 9.68 6.34 -7.77
C ASN D 27 10.26 7.73 -7.52
N LEU D 28 10.39 8.10 -6.25
CA LEU D 28 11.00 9.37 -5.90
C LEU D 28 12.50 9.32 -6.14
N LEU D 29 13.04 10.31 -6.84
CA LEU D 29 14.46 10.35 -7.12
C LEU D 29 15.24 10.85 -5.90
N SER D 30 16.58 10.73 -5.99
CA SER D 30 17.49 11.12 -4.90
C SER D 30 18.55 12.11 -5.40
N PRO D 31 18.15 13.29 -5.87
CA PRO D 31 19.13 14.23 -6.40
C PRO D 31 20.10 14.71 -5.32
N PHE D 32 21.31 15.06 -5.75
CA PHE D 32 22.38 15.37 -4.81
C PHE D 32 22.28 16.80 -4.29
N GLY D 33 22.07 17.77 -5.17
CA GLY D 33 22.12 19.14 -4.74
C GLY D 33 20.81 19.81 -4.38
N LYS D 34 19.71 19.06 -4.19
CA LYS D 34 18.42 19.65 -3.90
C LYS D 34 17.50 18.58 -3.36
N ASN D 35 16.32 19.01 -2.84
CA ASN D 35 15.40 17.94 -2.48
C ASN D 35 14.40 17.73 -3.62
N PRO D 36 14.03 16.48 -3.89
CA PRO D 36 13.14 16.23 -5.04
C PRO D 36 11.74 16.79 -4.79
N GLU D 37 11.12 17.27 -5.87
CA GLU D 37 9.79 17.86 -5.82
C GLU D 37 8.80 16.99 -6.56
N LEU D 38 7.54 17.10 -6.17
CA LEU D 38 6.43 16.43 -6.83
C LEU D 38 5.30 17.45 -6.95
N GLN D 39 4.68 17.54 -8.13
CA GLN D 39 3.58 18.48 -8.31
C GLN D 39 2.47 17.85 -9.16
N VAL D 40 1.24 17.91 -8.66
CA VAL D 40 0.07 17.36 -9.34
C VAL D 40 -0.96 18.47 -9.47
N ASP D 41 -1.37 18.76 -10.71
CA ASP D 41 -2.32 19.84 -11.01
C ASP D 41 -3.63 19.27 -11.52
N PHE D 42 -4.73 19.60 -10.85
CA PHE D 42 -6.07 19.42 -11.40
C PHE D 42 -6.48 20.77 -11.98
N GLY D 43 -6.22 20.97 -13.27
CA GLY D 43 -6.38 22.24 -13.92
C GLY D 43 -7.57 22.31 -14.87
N THR D 44 -7.92 23.55 -15.24
CA THR D 44 -9.04 23.78 -16.16
C THR D 44 -8.67 23.49 -17.60
N GLY D 45 -7.39 23.36 -17.92
CA GLY D 45 -7.02 23.13 -19.31
C GLY D 45 -7.41 24.26 -20.23
N THR D 46 -7.42 25.49 -19.73
CA THR D 46 -7.74 26.68 -20.53
C THR D 46 -6.50 27.48 -20.91
N GLY D 47 -5.34 26.83 -21.04
CA GLY D 47 -4.14 27.51 -21.46
C GLY D 47 -3.22 27.89 -20.31
N GLN D 48 -2.24 28.72 -20.65
CA GLN D 48 -1.09 28.88 -19.76
C GLN D 48 -1.43 29.67 -18.49
N GLY D 49 -2.25 30.69 -18.60
CA GLY D 49 -2.57 31.33 -17.34
C GLY D 49 -3.72 30.72 -16.58
N GLY D 50 -4.38 29.71 -17.15
CA GLY D 50 -5.71 29.33 -16.72
C GLY D 50 -5.77 28.87 -15.27
N ASP D 51 -6.99 28.84 -14.77
CA ASP D 51 -7.26 28.48 -13.38
C ASP D 51 -6.82 27.05 -13.09
N ILE D 52 -6.43 26.83 -11.83
CA ILE D 52 -6.07 25.51 -11.34
C ILE D 52 -6.87 25.29 -10.07
N PRO D 53 -7.98 24.58 -10.14
CA PRO D 53 -8.78 24.36 -8.92
C PRO D 53 -8.00 23.72 -7.78
N PHE D 54 -7.02 22.87 -8.09
CA PHE D 54 -6.32 22.14 -7.03
C PHE D 54 -4.91 21.83 -7.50
N ARG D 55 -3.91 22.39 -6.82
CA ARG D 55 -2.51 22.01 -6.99
C ARG D 55 -2.01 21.32 -5.73
N PHE D 56 -1.42 20.15 -5.89
CA PHE D 56 -0.78 19.41 -4.81
C PHE D 56 0.73 19.45 -5.06
N TRP D 57 1.48 19.93 -4.07
CA TRP D 57 2.92 20.07 -4.19
C TRP D 57 3.56 19.43 -2.97
N TYR D 58 4.62 18.66 -3.19
CA TYR D 58 5.37 18.07 -2.10
C TYR D 58 6.84 18.32 -2.33
N CYS D 59 7.55 18.67 -1.25
CA CYS D 59 9.01 18.68 -1.26
C CYS D 59 9.51 18.67 0.17
N ASP D 60 10.42 17.75 0.49
CA ASP D 60 11.22 17.81 1.73
C ASP D 60 10.32 17.84 2.97
N GLY D 61 9.42 16.87 3.07
CA GLY D 61 8.55 16.72 4.23
C GLY D 61 7.39 17.68 4.29
N ILE D 62 7.21 18.57 3.32
CA ILE D 62 6.15 19.58 3.33
C ILE D 62 5.23 19.33 2.15
N VAL D 63 3.93 19.36 2.41
CA VAL D 63 2.91 19.37 1.36
C VAL D 63 2.29 20.75 1.33
N VAL D 64 2.16 21.33 0.13
CA VAL D 64 1.46 22.59 -0.07
C VAL D 64 0.33 22.35 -1.05
N MET D 65 -0.89 22.78 -0.68
CA MET D 65 -2.06 22.73 -1.57
C MET D 65 -2.64 24.13 -1.73
N ASN D 66 -3.11 24.44 -2.94
CA ASN D 66 -3.54 25.80 -3.23
C ASN D 66 -4.35 25.78 -4.52
N THR D 67 -4.98 26.93 -4.81
CA THR D 67 -5.83 27.14 -5.96
C THR D 67 -5.39 28.39 -6.71
N LEU D 68 -5.33 28.28 -8.03
CA LEU D 68 -5.05 29.42 -8.90
C LEU D 68 -6.36 29.88 -9.53
N LYS D 69 -6.74 31.11 -9.24
CA LYS D 69 -8.00 31.70 -9.72
C LYS D 69 -7.70 33.13 -10.13
N ASP D 70 -7.94 33.45 -11.40
CA ASP D 70 -7.81 34.81 -11.91
C ASP D 70 -6.37 35.33 -11.83
N GLY D 71 -5.41 34.46 -12.14
CA GLY D 71 -4.03 34.86 -12.11
C GLY D 71 -3.42 35.01 -10.73
N SER D 72 -4.15 34.79 -9.66
CA SER D 72 -3.56 34.86 -8.33
C SER D 72 -3.79 33.58 -7.56
N TRP D 73 -2.76 33.15 -6.85
CA TRP D 73 -2.85 31.98 -5.99
C TRP D 73 -3.47 32.39 -4.66
N GLY D 74 -4.26 31.48 -4.09
CA GLY D 74 -4.92 31.74 -2.83
C GLY D 74 -4.03 31.44 -1.65
N LYS D 75 -4.67 31.26 -0.49
CA LYS D 75 -3.96 30.94 0.73
C LYS D 75 -3.57 29.47 0.74
N GLU D 76 -2.28 29.20 0.94
CA GLU D 76 -1.78 27.84 0.97
C GLU D 76 -2.32 27.06 2.16
N GLN D 77 -2.67 25.80 1.93
CA GLN D 77 -2.86 24.84 3.01
C GLN D 77 -1.59 23.98 3.07
N LYS D 78 -0.90 24.08 4.21
CA LYS D 78 0.46 23.57 4.38
C LYS D 78 0.47 22.59 5.53
N LEU D 79 1.17 21.46 5.37
CA LEU D 79 1.28 20.46 6.43
C LEU D 79 2.59 19.71 6.27
N HIS D 80 2.95 18.97 7.32
CA HIS D 80 4.17 18.16 7.32
C HIS D 80 3.79 16.68 7.18
N THR D 81 4.55 15.94 6.39
CA THR D 81 4.34 14.50 6.28
C THR D 81 5.65 13.76 6.00
N GLU D 82 5.76 12.56 6.58
CA GLU D 82 6.88 11.65 6.35
C GLU D 82 6.55 10.55 5.33
N ALA D 83 5.44 10.69 4.59
CA ALA D 83 4.93 9.56 3.80
C ALA D 83 5.79 9.28 2.57
N PHE D 84 6.46 10.29 2.01
CA PHE D 84 7.27 10.07 0.81
C PHE D 84 8.69 9.71 1.24
N VAL D 85 8.89 8.43 1.55
CA VAL D 85 10.21 8.00 2.01
C VAL D 85 11.26 8.28 0.93
N PRO D 86 12.35 8.97 1.25
CA PRO D 86 13.33 9.34 0.23
C PRO D 86 13.77 8.15 -0.62
N GLY D 87 13.83 8.37 -1.93
CA GLY D 87 14.36 7.40 -2.87
C GLY D 87 13.50 6.17 -3.14
N GLN D 88 12.29 6.08 -2.59
CA GLN D 88 11.49 4.86 -2.67
C GLN D 88 10.30 5.01 -3.64
N PRO D 89 9.79 3.89 -4.15
CA PRO D 89 8.49 3.92 -4.83
C PRO D 89 7.38 4.35 -3.88
N PHE D 90 6.42 5.10 -4.41
CA PHE D 90 5.24 5.46 -3.64
C PHE D 90 3.99 5.27 -4.50
N GLU D 91 2.85 5.27 -3.83
CA GLU D 91 1.56 5.25 -4.51
C GLU D 91 0.75 6.39 -3.93
N LEU D 92 0.36 7.34 -4.78
CA LEU D 92 -0.35 8.55 -4.39
C LEU D 92 -1.74 8.53 -5.01
N GLN D 93 -2.77 8.58 -4.16
CA GLN D 93 -4.16 8.56 -4.59
C GLN D 93 -4.84 9.89 -4.30
N PHE D 94 -5.60 10.38 -5.28
CA PHE D 94 -6.51 11.50 -5.07
C PHE D 94 -7.95 10.99 -5.21
N LEU D 95 -8.73 11.17 -4.17
CA LEU D 95 -10.13 10.79 -4.19
C LEU D 95 -10.95 12.08 -4.26
N VAL D 96 -11.71 12.23 -5.34
CA VAL D 96 -12.56 13.39 -5.56
C VAL D 96 -13.96 13.09 -5.02
N LEU D 97 -14.39 13.84 -4.01
CA LEU D 97 -15.73 13.72 -3.45
C LEU D 97 -16.47 15.04 -3.61
N GLU D 98 -17.74 15.04 -3.22
CA GLU D 98 -18.58 16.23 -3.38
C GLU D 98 -17.97 17.45 -2.72
N ASN D 99 -17.33 17.25 -1.58
CA ASN D 99 -16.90 18.32 -0.70
C ASN D 99 -15.41 18.59 -0.70
N GLU D 100 -14.59 17.66 -1.20
CA GLU D 100 -13.15 17.74 -0.97
C GLU D 100 -12.44 16.72 -1.83
N TYR D 101 -11.16 16.97 -2.07
CA TYR D 101 -10.22 15.94 -2.48
C TYR D 101 -9.63 15.31 -1.23
N GLN D 102 -9.61 13.98 -1.18
CA GLN D 102 -8.86 13.27 -0.13
C GLN D 102 -7.59 12.72 -0.75
N VAL D 103 -6.48 12.79 0.00
CA VAL D 103 -5.17 12.37 -0.48
C VAL D 103 -4.67 11.21 0.38
N PHE D 104 -4.25 10.13 -0.28
CA PHE D 104 -3.61 9.00 0.38
C PHE D 104 -2.26 8.73 -0.25
N VAL D 105 -1.30 8.34 0.58
CA VAL D 105 0.02 7.90 0.12
C VAL D 105 0.28 6.53 0.73
N ASN D 106 0.57 5.56 -0.13
CA ASN D 106 0.83 4.19 0.31
C ASN D 106 -0.25 3.72 1.27
N ASN D 107 -1.51 3.97 0.90
CA ASN D 107 -2.72 3.50 1.59
C ASN D 107 -2.97 4.15 2.95
N LYS D 108 -2.35 5.30 3.23
CA LYS D 108 -2.58 6.03 4.46
C LYS D 108 -3.12 7.42 4.17
N PRO D 109 -4.15 7.87 4.90
CA PRO D 109 -4.66 9.24 4.66
C PRO D 109 -3.61 10.26 5.07
N ILE D 110 -3.45 11.29 4.24
CA ILE D 110 -2.43 12.31 4.44
C ILE D 110 -3.06 13.67 4.71
N CYS D 111 -4.05 14.05 3.90
CA CYS D 111 -4.65 15.37 3.99
C CYS D 111 -5.84 15.42 3.05
N GLN D 112 -6.69 16.43 3.25
CA GLN D 112 -7.86 16.66 2.43
C GLN D 112 -7.90 18.14 2.06
N PHE D 113 -8.55 18.44 0.94
CA PHE D 113 -8.60 19.80 0.40
C PHE D 113 -10.03 20.12 0.01
N ALA D 114 -10.69 21.00 0.78
CA ALA D 114 -12.01 21.47 0.40
C ALA D 114 -11.98 22.15 -0.96
N HIS D 115 -13.01 21.88 -1.77
CA HIS D 115 -13.13 22.52 -3.08
C HIS D 115 -13.23 24.03 -2.95
N ARG D 116 -12.44 24.73 -3.76
CA ARG D 116 -12.49 26.17 -3.88
C ARG D 116 -13.08 26.63 -5.20
N LEU D 117 -12.79 25.91 -6.29
CA LEU D 117 -13.45 26.03 -7.57
C LEU D 117 -14.20 24.72 -7.88
N PRO D 118 -15.21 24.75 -8.74
CA PRO D 118 -15.99 23.53 -9.01
C PRO D 118 -15.13 22.38 -9.52
N LEU D 119 -15.32 21.19 -8.95
CA LEU D 119 -14.63 20.03 -9.52
C LEU D 119 -15.02 19.82 -10.99
N GLN D 120 -16.25 20.22 -11.36
CA GLN D 120 -16.71 20.09 -12.74
C GLN D 120 -15.87 20.92 -13.71
N SER D 121 -15.13 21.92 -13.23
CA SER D 121 -14.33 22.71 -14.15
C SER D 121 -12.98 22.08 -14.47
N VAL D 122 -12.56 21.04 -13.75
CA VAL D 122 -11.25 20.43 -14.00
C VAL D 122 -11.32 19.64 -15.30
N LYS D 123 -10.44 19.98 -16.24
CA LYS D 123 -10.40 19.31 -17.52
C LYS D 123 -9.07 18.65 -17.82
N MET D 124 -8.04 18.84 -16.99
CA MET D 124 -6.69 18.43 -17.33
C MET D 124 -5.93 18.04 -16.08
N LEU D 125 -5.39 16.82 -16.09
CA LEU D 125 -4.51 16.35 -15.03
C LEU D 125 -3.07 16.50 -15.48
N ASP D 126 -2.22 17.05 -14.61
CA ASP D 126 -0.81 17.24 -14.90
C ASP D 126 0.01 16.68 -13.75
N VAL D 127 0.93 15.77 -14.05
CA VAL D 127 1.80 15.15 -13.05
C VAL D 127 3.24 15.41 -13.48
N ARG D 128 4.05 15.94 -12.57
CA ARG D 128 5.46 16.15 -12.87
C ARG D 128 6.25 16.10 -11.58
N GLY D 129 7.57 16.00 -11.73
CA GLY D 129 8.42 16.11 -10.56
C GLY D 129 9.74 15.39 -10.78
N ASP D 130 10.57 15.44 -9.73
CA ASP D 130 11.80 14.66 -9.68
C ASP D 130 11.44 13.22 -9.32
N ILE D 131 10.81 12.55 -10.29
CA ILE D 131 10.28 11.20 -10.10
C ILE D 131 10.46 10.42 -11.39
N VAL D 132 10.49 9.09 -11.26
CA VAL D 132 10.26 8.20 -12.39
C VAL D 132 8.79 7.77 -12.29
N LEU D 133 7.99 8.25 -13.22
CA LEU D 133 6.54 8.01 -13.22
C LEU D 133 6.26 6.69 -13.91
N THR D 134 5.73 5.72 -13.18
CA THR D 134 5.49 4.42 -13.81
C THR D 134 4.04 4.18 -14.20
N SER D 135 3.06 4.69 -13.46
CA SER D 135 1.68 4.58 -13.93
C SER D 135 0.81 5.69 -13.37
N VAL D 136 -0.23 6.05 -14.14
CA VAL D 136 -1.29 6.96 -13.75
C VAL D 136 -2.61 6.30 -14.18
N ASP D 137 -3.51 6.07 -13.22
CA ASP D 137 -4.79 5.46 -13.51
C ASP D 137 -5.90 6.30 -12.91
N THR D 138 -7.05 6.30 -13.60
CA THR D 138 -8.26 6.99 -13.14
C THR D 138 -9.45 6.07 -13.27
N LEU D 139 -10.45 6.29 -12.42
CA LEU D 139 -11.71 5.55 -12.47
C LEU D 139 -12.85 6.45 -11.95
N SER E 5 -19.11 13.87 -20.35
CA SER E 5 -18.21 13.14 -21.23
C SER E 5 -16.77 13.72 -21.19
N LEU E 6 -15.87 13.14 -21.97
CA LEU E 6 -14.48 13.53 -21.89
C LEU E 6 -14.19 14.77 -22.74
N PRO E 7 -13.18 15.56 -22.36
CA PRO E 7 -12.76 16.67 -23.23
C PRO E 7 -12.42 16.18 -24.63
N ASN E 8 -12.71 17.04 -25.59
CA ASN E 8 -12.56 16.73 -27.01
C ASN E 8 -12.05 18.00 -27.68
N PRO E 9 -10.78 18.01 -28.12
CA PRO E 9 -9.83 16.89 -28.15
C PRO E 9 -9.37 16.36 -26.78
N TYR E 10 -8.97 15.10 -26.80
CA TYR E 10 -8.50 14.38 -25.63
C TYR E 10 -6.99 14.18 -25.78
N LEU E 11 -6.25 14.42 -24.71
CA LEU E 11 -4.81 14.22 -24.71
C LEU E 11 -4.42 13.27 -23.58
N GLN E 12 -3.46 12.40 -23.85
CA GLN E 12 -2.90 11.55 -22.81
C GLN E 12 -1.47 11.20 -23.19
N SER E 13 -0.53 11.54 -22.31
CA SER E 13 0.84 11.07 -22.44
C SER E 13 0.87 9.55 -22.36
N VAL E 14 1.67 8.92 -23.22
CA VAL E 14 1.73 7.46 -23.32
C VAL E 14 3.18 7.02 -23.51
N SER E 15 3.42 5.75 -23.19
CA SER E 15 4.63 5.06 -23.60
C SER E 15 4.21 3.71 -24.19
N LEU E 16 4.39 3.54 -25.49
CA LEU E 16 3.95 2.33 -26.17
C LEU E 16 4.95 1.19 -25.95
N THR E 17 4.48 -0.03 -26.16
CA THR E 17 5.34 -1.21 -26.16
C THR E 17 4.95 -2.07 -27.35
N VAL E 18 5.53 -3.26 -27.41
CA VAL E 18 5.26 -4.25 -28.46
C VAL E 18 3.98 -5.04 -28.22
N CYS E 19 3.30 -4.78 -27.11
CA CYS E 19 2.02 -5.42 -26.80
C CYS E 19 1.25 -4.38 -25.98
N TYR E 20 0.57 -3.48 -26.68
CA TYR E 20 -0.03 -2.31 -26.07
C TYR E 20 -1.36 -2.07 -26.77
N MET E 21 -2.36 -1.69 -26.00
CA MET E 21 -3.69 -1.54 -26.56
C MET E 21 -4.26 -0.20 -26.15
N VAL E 22 -4.93 0.45 -27.09
CA VAL E 22 -5.75 1.63 -26.82
C VAL E 22 -7.18 1.26 -27.17
N LYS E 23 -8.11 1.57 -26.26
CA LYS E 23 -9.52 1.33 -26.54
C LYS E 23 -10.29 2.63 -26.34
N ILE E 24 -10.98 3.05 -27.40
CA ILE E 24 -11.76 4.28 -27.41
C ILE E 24 -13.23 3.94 -27.56
N LYS E 25 -14.06 4.53 -26.70
CA LYS E 25 -15.52 4.42 -26.85
C LYS E 25 -16.08 5.81 -27.04
N ALA E 26 -16.90 5.97 -28.08
CA ALA E 26 -17.44 7.27 -28.42
C ALA E 26 -18.73 7.06 -29.19
N ASN E 27 -19.59 8.10 -29.16
CA ASN E 27 -20.78 8.19 -29.98
C ASN E 27 -20.49 9.12 -31.15
N LEU E 28 -20.69 8.64 -32.37
CA LEU E 28 -20.51 9.50 -33.54
C LEU E 28 -21.69 10.46 -33.66
N LEU E 29 -21.40 11.74 -33.86
CA LEU E 29 -22.45 12.76 -33.91
C LEU E 29 -23.07 12.84 -35.31
N SER E 30 -24.12 13.64 -35.42
CA SER E 30 -24.81 13.90 -36.69
C SER E 30 -24.87 15.40 -36.90
N PRO E 31 -23.74 16.05 -37.13
CA PRO E 31 -23.73 17.52 -37.27
C PRO E 31 -24.39 17.94 -38.58
N PHE E 32 -25.32 18.90 -38.48
CA PHE E 32 -25.93 19.46 -39.68
C PHE E 32 -24.91 20.34 -40.40
N GLY E 33 -24.61 20.01 -41.65
CA GLY E 33 -23.70 20.80 -42.44
C GLY E 33 -22.36 20.17 -42.76
N LYS E 34 -22.13 18.92 -42.32
CA LYS E 34 -20.90 18.22 -42.67
C LYS E 34 -21.03 16.76 -42.26
N ASN E 35 -20.16 15.95 -42.82
CA ASN E 35 -20.08 14.57 -42.35
C ASN E 35 -19.15 14.48 -41.14
N PRO E 36 -19.52 13.71 -40.12
CA PRO E 36 -18.70 13.68 -38.90
C PRO E 36 -17.34 13.04 -39.12
N GLU E 37 -16.34 13.59 -38.43
CA GLU E 37 -14.93 13.27 -38.60
C GLU E 37 -14.36 12.70 -37.30
N LEU E 38 -13.39 11.80 -37.45
CA LEU E 38 -12.71 11.16 -36.33
C LEU E 38 -11.22 11.11 -36.63
N GLN E 39 -10.40 11.48 -35.65
CA GLN E 39 -8.95 11.56 -35.85
C GLN E 39 -8.22 11.13 -34.59
N VAL E 40 -7.27 10.21 -34.73
CA VAL E 40 -6.46 9.72 -33.62
C VAL E 40 -4.99 9.83 -34.00
N ASP E 41 -4.23 10.56 -33.20
CA ASP E 41 -2.80 10.74 -33.42
C ASP E 41 -2.01 9.95 -32.39
N PHE E 42 -1.09 9.12 -32.87
CA PHE E 42 0.01 8.61 -32.06
C PHE E 42 1.20 9.51 -32.38
N GLY E 43 1.37 10.57 -31.58
CA GLY E 43 2.34 11.60 -31.86
C GLY E 43 3.56 11.63 -30.94
N THR E 44 4.63 12.32 -31.38
CA THR E 44 5.85 12.38 -30.57
C THR E 44 5.75 13.37 -29.41
N GLY E 45 4.71 14.21 -29.37
CA GLY E 45 4.60 15.22 -28.33
C GLY E 45 5.79 16.16 -28.24
N THR E 46 6.23 16.70 -29.38
CA THR E 46 7.43 17.54 -29.46
C THR E 46 7.11 18.90 -30.07
N GLY E 47 5.98 19.49 -29.70
CA GLY E 47 5.60 20.80 -30.19
C GLY E 47 4.59 20.73 -31.32
N GLN E 48 4.15 21.92 -31.73
CA GLN E 48 2.98 22.03 -32.61
C GLN E 48 3.18 21.33 -33.94
N GLY E 49 4.41 21.33 -34.47
CA GLY E 49 4.66 20.69 -35.76
C GLY E 49 5.45 19.40 -35.72
N GLY E 50 5.63 18.79 -34.54
CA GLY E 50 6.49 17.63 -34.41
C GLY E 50 5.99 16.41 -35.17
N ASP E 51 6.86 15.41 -35.27
CA ASP E 51 6.53 14.18 -36.00
C ASP E 51 5.29 13.50 -35.42
N ILE E 52 4.56 12.82 -36.30
CA ILE E 52 3.40 11.99 -35.93
C ILE E 52 3.62 10.62 -36.57
N PRO E 53 4.14 9.67 -35.82
CA PRO E 53 4.33 8.32 -36.38
C PRO E 53 3.07 7.70 -36.96
N PHE E 54 1.89 8.00 -36.42
CA PHE E 54 0.68 7.33 -36.92
C PHE E 54 -0.54 8.21 -36.70
N ARG E 55 -1.17 8.65 -37.79
CA ARG E 55 -2.47 9.31 -37.72
C ARG E 55 -3.52 8.41 -38.35
N PHE E 56 -4.60 8.20 -37.64
CA PHE E 56 -5.78 7.50 -38.10
C PHE E 56 -6.87 8.54 -38.25
N TRP E 57 -7.45 8.65 -39.44
CA TRP E 57 -8.51 9.60 -39.74
C TRP E 57 -9.65 8.87 -40.41
N TYR E 58 -10.89 9.22 -40.04
CA TYR E 58 -12.06 8.60 -40.64
C TYR E 58 -13.12 9.64 -40.94
N CYS E 59 -13.76 9.51 -42.11
CA CYS E 59 -14.91 10.35 -42.44
C CYS E 59 -15.63 9.74 -43.64
N ASP E 60 -16.96 9.66 -43.54
CA ASP E 60 -17.82 9.36 -44.68
C ASP E 60 -17.35 8.10 -45.41
N GLY E 61 -17.25 7.01 -44.64
CA GLY E 61 -16.88 5.72 -45.19
C GLY E 61 -15.45 5.56 -45.63
N ILE E 62 -14.55 6.50 -45.34
CA ILE E 62 -13.16 6.40 -45.77
C ILE E 62 -12.23 6.55 -44.57
N VAL E 63 -11.24 5.66 -44.49
CA VAL E 63 -10.13 5.77 -43.53
C VAL E 63 -8.87 6.20 -44.28
N VAL E 64 -8.17 7.19 -43.75
CA VAL E 64 -6.84 7.57 -44.23
C VAL E 64 -5.86 7.45 -43.07
N MET E 65 -4.74 6.79 -43.32
CA MET E 65 -3.66 6.65 -42.36
C MET E 65 -2.37 7.17 -42.98
N ASN E 66 -1.52 7.78 -42.17
CA ASN E 66 -0.28 8.39 -42.69
C ASN E 66 0.64 8.73 -41.52
N THR E 67 1.85 9.18 -41.89
CA THR E 67 2.92 9.52 -40.98
C THR E 67 3.41 10.92 -41.34
N LEU E 68 3.60 11.77 -40.33
CA LEU E 68 4.19 13.09 -40.49
C LEU E 68 5.63 13.03 -40.00
N LYS E 69 6.57 13.26 -40.91
CA LYS E 69 7.99 13.23 -40.57
C LYS E 69 8.66 14.48 -41.14
N ASP E 70 9.27 15.25 -40.26
CA ASP E 70 10.05 16.43 -40.64
C ASP E 70 9.19 17.44 -41.41
N GLY E 71 7.93 17.59 -40.97
CA GLY E 71 7.03 18.59 -41.50
C GLY E 71 6.28 18.21 -42.76
N SER E 72 6.41 16.99 -43.27
CA SER E 72 5.63 16.56 -44.42
C SER E 72 5.05 15.17 -44.23
N TRP E 73 3.85 14.98 -44.73
CA TRP E 73 3.16 13.70 -44.68
C TRP E 73 3.71 12.76 -45.73
N GLY E 74 3.65 11.45 -45.42
CA GLY E 74 4.13 10.42 -46.31
C GLY E 74 3.09 10.03 -47.33
N LYS E 75 3.26 8.83 -47.89
CA LYS E 75 2.26 8.25 -48.80
C LYS E 75 1.12 7.66 -47.96
N GLU E 76 -0.09 8.15 -48.21
CA GLU E 76 -1.28 7.69 -47.49
C GLU E 76 -1.50 6.19 -47.65
N GLN E 77 -2.17 5.61 -46.66
CA GLN E 77 -2.88 4.34 -46.84
C GLN E 77 -4.37 4.63 -46.66
N LYS E 78 -5.13 4.59 -47.75
CA LYS E 78 -6.55 4.90 -47.77
C LYS E 78 -7.37 3.65 -48.06
N LEU E 79 -8.50 3.50 -47.38
CA LEU E 79 -9.38 2.37 -47.63
C LEU E 79 -10.81 2.74 -47.26
N HIS E 80 -11.75 1.87 -47.63
CA HIS E 80 -13.17 2.06 -47.35
C HIS E 80 -13.65 1.11 -46.26
N THR E 81 -14.58 1.60 -45.45
CA THR E 81 -15.16 0.80 -44.37
C THR E 81 -16.55 1.33 -44.05
N GLU E 82 -17.47 0.41 -43.73
CA GLU E 82 -18.79 0.76 -43.23
C GLU E 82 -18.91 0.62 -41.71
N ALA E 83 -17.79 0.42 -41.02
CA ALA E 83 -17.85 0.02 -39.62
C ALA E 83 -18.39 1.11 -38.71
N PHE E 84 -18.27 2.38 -39.10
CA PHE E 84 -18.74 3.49 -38.29
C PHE E 84 -20.16 3.85 -38.72
N VAL E 85 -21.15 3.33 -38.00
CA VAL E 85 -22.54 3.61 -38.33
C VAL E 85 -22.90 5.00 -37.81
N PRO E 86 -23.40 5.89 -38.66
CA PRO E 86 -23.68 7.26 -38.22
C PRO E 86 -24.65 7.29 -37.05
N GLY E 87 -24.38 8.16 -36.09
CA GLY E 87 -25.19 8.27 -34.90
C GLY E 87 -25.12 7.10 -33.92
N GLN E 88 -24.26 6.11 -34.17
CA GLN E 88 -24.24 4.97 -33.27
C GLN E 88 -22.98 4.97 -32.40
N PRO E 89 -23.06 4.47 -31.17
CA PRO E 89 -21.84 4.29 -30.37
C PRO E 89 -20.92 3.29 -31.06
N PHE E 90 -19.62 3.50 -30.92
CA PHE E 90 -18.66 2.57 -31.48
C PHE E 90 -17.54 2.36 -30.47
N GLU E 91 -16.83 1.26 -30.67
CA GLU E 91 -15.62 0.97 -29.93
C GLU E 91 -14.47 0.81 -30.93
N LEU E 92 -13.44 1.62 -30.75
CA LEU E 92 -12.30 1.65 -31.64
C LEU E 92 -11.08 1.19 -30.86
N GLN E 93 -10.42 0.14 -31.32
CA GLN E 93 -9.21 -0.33 -30.68
C GLN E 93 -8.00 -0.15 -31.57
N PHE E 94 -6.88 0.24 -30.98
CA PHE E 94 -5.59 0.18 -31.63
C PHE E 94 -4.72 -0.78 -30.84
N LEU E 95 -4.21 -1.81 -31.53
CA LEU E 95 -3.26 -2.75 -30.96
C LEU E 95 -1.88 -2.44 -31.53
N VAL E 96 -0.92 -2.18 -30.64
CA VAL E 96 0.45 -1.86 -31.05
C VAL E 96 1.27 -3.12 -30.93
N LEU E 97 1.71 -3.66 -32.06
CA LEU E 97 2.59 -4.81 -32.11
C LEU E 97 3.98 -4.40 -32.59
N GLU E 98 4.90 -5.35 -32.58
CA GLU E 98 6.29 -5.07 -32.96
C GLU E 98 6.38 -4.58 -34.39
N ASN E 99 5.51 -5.07 -35.27
CA ASN E 99 5.61 -4.77 -36.68
C ASN E 99 4.57 -3.75 -37.16
N GLU E 100 3.46 -3.56 -36.45
CA GLU E 100 2.36 -2.76 -37.00
C GLU E 100 1.40 -2.37 -35.89
N TYR E 101 0.55 -1.38 -36.21
CA TYR E 101 -0.70 -1.13 -35.48
C TYR E 101 -1.80 -1.92 -36.16
N GLN E 102 -2.64 -2.58 -35.35
CA GLN E 102 -3.83 -3.23 -35.87
C GLN E 102 -5.04 -2.47 -35.34
N VAL E 103 -6.00 -2.21 -36.22
CA VAL E 103 -7.18 -1.42 -35.88
C VAL E 103 -8.40 -2.32 -35.90
N PHE E 104 -9.24 -2.19 -34.89
CA PHE E 104 -10.49 -2.93 -34.79
C PHE E 104 -11.59 -1.94 -34.47
N VAL E 105 -12.78 -2.15 -35.04
CA VAL E 105 -13.96 -1.35 -34.72
C VAL E 105 -15.09 -2.32 -34.38
N ASN E 106 -15.68 -2.15 -33.20
CA ASN E 106 -16.71 -3.04 -32.71
C ASN E 106 -16.30 -4.51 -32.87
N ASN E 107 -15.07 -4.80 -32.42
CA ASN E 107 -14.53 -6.15 -32.37
C ASN E 107 -14.28 -6.76 -33.75
N LYS E 108 -14.20 -5.94 -34.80
CA LYS E 108 -13.90 -6.46 -36.13
C LYS E 108 -12.59 -5.86 -36.63
N PRO E 109 -11.72 -6.65 -37.27
CA PRO E 109 -10.51 -6.05 -37.85
C PRO E 109 -10.87 -5.14 -39.02
N ILE E 110 -10.27 -3.94 -39.05
CA ILE E 110 -10.55 -2.95 -40.08
C ILE E 110 -9.36 -2.75 -41.01
N CYS E 111 -8.15 -2.61 -40.45
CA CYS E 111 -6.97 -2.27 -41.24
C CYS E 111 -5.75 -2.35 -40.34
N GLN E 112 -4.57 -2.39 -40.96
CA GLN E 112 -3.31 -2.42 -40.24
C GLN E 112 -2.37 -1.38 -40.84
N PHE E 113 -1.42 -0.89 -40.03
CA PHE E 113 -0.50 0.16 -40.46
C PHE E 113 0.90 -0.23 -40.00
N ALA E 114 1.77 -0.64 -40.92
CA ALA E 114 3.13 -0.98 -40.54
C ALA E 114 3.84 0.24 -39.95
N HIS E 115 4.73 -0.01 -38.98
CA HIS E 115 5.47 1.08 -38.37
C HIS E 115 6.37 1.74 -39.40
N ARG E 116 6.30 3.07 -39.48
CA ARG E 116 7.22 3.85 -40.29
C ARG E 116 8.25 4.60 -39.47
N LEU E 117 7.89 5.02 -38.27
CA LEU E 117 8.76 5.61 -37.26
C LEU E 117 8.68 4.76 -36.01
N PRO E 118 9.72 4.75 -35.17
CA PRO E 118 9.72 3.82 -34.03
C PRO E 118 8.52 4.04 -33.12
N LEU E 119 7.87 2.93 -32.72
CA LEU E 119 6.77 3.06 -31.77
C LEU E 119 7.25 3.63 -30.44
N GLN E 120 8.52 3.42 -30.11
CA GLN E 120 9.11 3.96 -28.90
C GLN E 120 9.16 5.48 -28.89
N SER E 121 9.03 6.12 -30.05
CA SER E 121 9.07 7.57 -30.11
C SER E 121 7.71 8.22 -29.87
N VAL E 122 6.61 7.46 -29.85
CA VAL E 122 5.30 8.01 -29.54
C VAL E 122 5.25 8.41 -28.07
N LYS E 123 4.86 9.66 -27.79
CA LYS E 123 4.76 10.13 -26.42
C LYS E 123 3.40 10.72 -26.07
N MET E 124 2.51 10.91 -27.04
CA MET E 124 1.27 11.63 -26.82
C MET E 124 0.18 11.03 -27.68
N LEU E 125 -0.91 10.62 -27.04
CA LEU E 125 -2.12 10.21 -27.74
C LEU E 125 -3.08 11.39 -27.83
N ASP E 126 -3.66 11.61 -29.01
CA ASP E 126 -4.58 12.72 -29.24
C ASP E 126 -5.82 12.14 -29.93
N VAL E 127 -6.98 12.30 -29.32
CA VAL E 127 -8.23 11.80 -29.87
C VAL E 127 -9.18 12.98 -30.01
N ARG E 128 -9.73 13.15 -31.20
CA ARG E 128 -10.66 14.27 -31.41
C ARG E 128 -11.64 13.93 -32.52
N GLY E 129 -12.67 14.76 -32.64
CA GLY E 129 -13.55 14.69 -33.78
C GLY E 129 -14.98 15.09 -33.42
N ASP E 130 -15.87 14.90 -34.40
CA ASP E 130 -17.31 15.14 -34.22
C ASP E 130 -17.91 13.95 -33.48
N ILE E 131 -17.50 13.82 -32.23
CA ILE E 131 -17.85 12.68 -31.41
C ILE E 131 -18.23 13.17 -30.02
N VAL E 132 -19.00 12.35 -29.33
CA VAL E 132 -19.09 12.40 -27.87
C VAL E 132 -18.14 11.32 -27.38
N LEU E 133 -17.08 11.72 -26.69
CA LEU E 133 -16.02 10.79 -26.29
C LEU E 133 -16.30 10.35 -24.87
N THR E 134 -16.62 9.07 -24.69
CA THR E 134 -17.02 8.60 -23.37
C THR E 134 -15.89 7.98 -22.58
N SER E 135 -14.97 7.27 -23.23
CA SER E 135 -13.86 6.67 -22.52
C SER E 135 -12.67 6.42 -23.45
N VAL E 136 -11.48 6.50 -22.88
CA VAL E 136 -10.21 6.17 -23.52
C VAL E 136 -9.43 5.38 -22.48
N ASP E 137 -9.01 4.17 -22.84
CA ASP E 137 -8.29 3.29 -21.94
C ASP E 137 -7.09 2.72 -22.64
N THR E 138 -6.01 2.50 -21.89
CA THR E 138 -4.81 1.87 -22.42
C THR E 138 -4.33 0.80 -21.45
N LEU E 139 -3.63 -0.19 -21.99
CA LEU E 139 -3.01 -1.25 -21.18
C LEU E 139 -1.78 -1.80 -21.91
N SER F 5 2.12 -10.79 30.51
CA SER F 5 2.95 -11.39 29.48
C SER F 5 4.33 -10.74 29.44
N LEU F 6 5.20 -11.23 28.56
CA LEU F 6 6.56 -10.74 28.49
C LEU F 6 6.62 -9.40 27.78
N PRO F 7 7.64 -8.59 28.04
CA PRO F 7 7.83 -7.35 27.27
C PRO F 7 7.88 -7.63 25.78
N ASN F 8 7.35 -6.68 25.01
CA ASN F 8 7.26 -6.74 23.55
C ASN F 8 7.54 -5.34 23.03
N PRO F 9 8.70 -5.13 22.37
CA PRO F 9 9.70 -6.16 22.03
C PRO F 9 10.44 -6.82 23.19
N TYR F 10 10.86 -8.06 22.95
CA TYR F 10 11.58 -8.88 23.90
C TYR F 10 13.02 -9.01 23.43
N LEU F 11 13.98 -8.80 24.34
CA LEU F 11 15.40 -8.91 24.06
C LEU F 11 16.03 -9.98 24.95
N GLN F 12 16.96 -10.75 24.39
CA GLN F 12 17.78 -11.67 25.18
C GLN F 12 19.14 -11.87 24.53
N SER F 13 20.20 -11.60 25.30
CA SER F 13 21.56 -11.96 24.89
C SER F 13 21.69 -13.46 24.75
N VAL F 14 22.33 -13.90 23.65
CA VAL F 14 22.49 -15.32 23.35
C VAL F 14 23.89 -15.62 22.83
N SER F 15 24.24 -16.90 22.90
CA SER F 15 25.41 -17.47 22.22
C SER F 15 24.94 -18.76 21.54
N LEU F 16 24.90 -18.74 20.22
CA LEU F 16 24.40 -19.88 19.47
C LEU F 16 25.45 -20.98 19.37
N THR F 17 24.98 -22.20 19.09
CA THR F 17 25.85 -23.32 18.77
C THR F 17 25.27 -24.10 17.58
N VAL F 18 25.96 -25.19 17.25
CA VAL F 18 25.67 -26.07 16.14
C VAL F 18 24.49 -26.98 16.49
N CYS F 19 24.00 -26.86 17.71
CA CYS F 19 22.83 -27.61 18.17
C CYS F 19 22.19 -26.75 19.27
N TYR F 20 21.32 -25.85 18.85
CA TYR F 20 20.75 -24.84 19.72
C TYR F 20 19.31 -24.63 19.33
N MET F 21 18.43 -24.45 20.32
CA MET F 21 17.01 -24.26 20.05
C MET F 21 16.48 -23.00 20.72
N VAL F 22 15.61 -22.29 20.01
CA VAL F 22 14.78 -21.23 20.58
C VAL F 22 13.34 -21.68 20.46
N LYS F 23 12.58 -21.59 21.56
CA LYS F 23 11.15 -21.89 21.53
C LYS F 23 10.33 -20.69 21.98
N ILE F 24 9.49 -20.18 21.09
CA ILE F 24 8.68 -18.98 21.33
C ILE F 24 7.21 -19.38 21.39
N LYS F 25 6.53 -18.96 22.45
CA LYS F 25 5.10 -19.18 22.62
C LYS F 25 4.40 -17.83 22.74
N ALA F 26 3.42 -17.59 21.88
CA ALA F 26 2.75 -16.30 21.81
C ALA F 26 1.36 -16.51 21.23
N ASN F 27 0.46 -15.56 21.53
CA ASN F 27 -0.85 -15.47 20.91
C ASN F 27 -0.79 -14.38 19.83
N LEU F 28 -1.08 -14.75 18.59
CA LEU F 28 -1.16 -13.78 17.52
C LEU F 28 -2.45 -12.97 17.65
N LEU F 29 -2.33 -11.65 17.74
CA LEU F 29 -3.51 -10.81 17.87
C LEU F 29 -4.32 -10.81 16.60
N SER F 30 -5.57 -10.39 16.71
CA SER F 30 -6.46 -10.24 15.56
C SER F 30 -7.03 -8.82 15.57
N PRO F 31 -6.19 -7.82 15.30
CA PRO F 31 -6.71 -6.45 15.25
C PRO F 31 -7.58 -6.23 14.03
N PHE F 32 -8.69 -5.51 14.22
CA PHE F 32 -9.67 -5.28 13.17
C PHE F 32 -9.04 -4.54 11.99
N GLY F 33 -8.12 -3.60 12.27
CA GLY F 33 -7.66 -2.66 11.27
C GLY F 33 -6.48 -3.07 10.40
N LYS F 34 -5.83 -4.21 10.64
CA LYS F 34 -4.64 -4.57 9.87
C LYS F 34 -4.26 -6.01 10.15
N ASN F 35 -3.40 -6.55 9.29
CA ASN F 35 -2.92 -7.92 9.46
C ASN F 35 -1.77 -7.95 10.48
N PRO F 36 -1.84 -8.82 11.48
CA PRO F 36 -0.79 -8.85 12.51
C PRO F 36 0.54 -9.37 11.96
N GLU F 37 1.62 -8.79 12.46
CA GLU F 37 2.97 -9.10 12.02
C GLU F 37 3.77 -9.73 13.15
N LEU F 38 4.78 -10.50 12.76
CA LEU F 38 5.69 -11.13 13.70
C LEU F 38 7.10 -11.03 13.16
N GLN F 39 8.06 -10.68 14.02
CA GLN F 39 9.45 -10.54 13.60
C GLN F 39 10.40 -11.08 14.67
N VAL F 40 11.31 -11.97 14.27
CA VAL F 40 12.36 -12.50 15.16
C VAL F 40 13.71 -12.21 14.51
N ASP F 41 14.58 -11.51 15.24
CA ASP F 41 15.93 -11.19 14.78
C ASP F 41 16.95 -12.01 15.57
N PHE F 42 17.76 -12.79 14.88
CA PHE F 42 19.04 -13.25 15.40
C PHE F 42 20.09 -12.24 14.97
N GLY F 43 20.38 -11.27 15.84
CA GLY F 43 21.21 -10.13 15.49
C GLY F 43 22.58 -10.15 16.16
N THR F 44 23.48 -9.29 15.67
CA THR F 44 24.82 -9.17 16.23
C THR F 44 24.85 -8.36 17.52
N GLY F 45 23.80 -7.59 17.80
CA GLY F 45 23.74 -6.80 19.01
C GLY F 45 24.88 -5.80 19.12
N THR F 46 25.17 -5.10 18.02
CA THR F 46 26.28 -4.14 17.99
C THR F 46 25.80 -2.67 18.02
N GLY F 49 21.71 -0.48 13.89
CA GLY F 49 22.22 -0.61 12.54
C GLY F 49 23.17 -1.77 12.28
N GLY F 50 23.54 -2.50 13.33
CA GLY F 50 24.47 -3.61 13.20
C GLY F 50 23.93 -4.75 12.37
N ASP F 51 24.82 -5.66 11.99
CA ASP F 51 24.45 -6.80 11.16
C ASP F 51 23.38 -7.68 11.83
N ILE F 52 22.51 -8.24 11.00
CA ILE F 52 21.50 -9.19 11.44
C ILE F 52 21.69 -10.47 10.62
N PRO F 53 22.37 -11.47 11.16
CA PRO F 53 22.54 -12.72 10.41
C PRO F 53 21.23 -13.34 9.93
N PHE F 54 20.14 -13.20 10.66
CA PHE F 54 18.89 -13.88 10.29
C PHE F 54 17.71 -13.14 10.89
N ARG F 55 16.87 -12.59 10.03
CA ARG F 55 15.60 -12.00 10.40
C ARG F 55 14.49 -12.89 9.84
N PHE F 56 13.60 -13.33 10.71
CA PHE F 56 12.41 -14.08 10.34
C PHE F 56 11.21 -13.15 10.50
N TRP F 57 10.43 -13.00 9.44
CA TRP F 57 9.30 -12.08 9.42
C TRP F 57 8.10 -12.82 8.85
N TYR F 58 6.94 -12.59 9.47
CA TYR F 58 5.70 -13.23 9.08
C TYR F 58 4.58 -12.21 9.07
N CYS F 59 3.75 -12.28 8.04
CA CYS F 59 2.48 -11.54 8.01
C CYS F 59 1.60 -12.08 6.89
N ASP F 60 0.34 -12.39 7.21
CA ASP F 60 -0.72 -12.62 6.22
C ASP F 60 -0.29 -13.68 5.20
N GLY F 61 0.00 -14.87 5.71
CA GLY F 61 0.37 -16.03 4.93
C GLY F 61 1.75 -16.03 4.31
N ILE F 62 2.58 -15.02 4.58
CA ILE F 62 3.88 -14.88 3.94
C ILE F 62 4.98 -14.85 4.99
N VAL F 63 5.98 -15.73 4.83
CA VAL F 63 7.25 -15.63 5.56
C VAL F 63 8.28 -14.96 4.67
N VAL F 64 9.00 -14.01 5.22
CA VAL F 64 10.18 -13.42 4.58
C VAL F 64 11.37 -13.63 5.51
N MET F 65 12.44 -14.20 4.98
CA MET F 65 13.69 -14.39 5.70
C MET F 65 14.80 -13.68 4.94
N ASN F 66 15.70 -13.04 5.68
CA ASN F 66 16.74 -12.23 5.05
C ASN F 66 17.82 -11.97 6.08
N THR F 67 18.89 -11.34 5.59
CA THR F 67 20.10 -11.07 6.34
C THR F 67 20.50 -9.63 6.09
N LEU F 68 20.83 -8.90 7.16
CA LEU F 68 21.36 -7.54 7.04
C LEU F 68 22.87 -7.61 7.25
N LYS F 69 23.64 -7.27 6.20
CA LYS F 69 25.09 -7.26 6.27
C LYS F 69 25.61 -5.91 5.78
N ASP F 70 26.50 -5.32 6.58
CA ASP F 70 27.16 -4.06 6.23
C ASP F 70 26.15 -3.01 5.76
N GLY F 71 25.09 -2.85 6.56
CA GLY F 71 24.08 -1.86 6.29
C GLY F 71 23.17 -2.14 5.12
N SER F 72 23.28 -3.30 4.47
CA SER F 72 22.43 -3.60 3.33
C SER F 72 21.72 -4.93 3.52
N TRP F 73 20.41 -4.93 3.30
CA TRP F 73 19.63 -6.16 3.29
C TRP F 73 19.85 -6.92 1.99
N GLY F 74 19.78 -8.25 2.07
CA GLY F 74 20.08 -9.12 0.95
C GLY F 74 18.85 -9.55 0.19
N LYS F 75 18.99 -10.64 -0.58
CA LYS F 75 17.86 -11.20 -1.30
C LYS F 75 16.92 -11.91 -0.33
N GLU F 76 15.63 -11.68 -0.50
CA GLU F 76 14.61 -12.28 0.35
C GLU F 76 14.35 -13.73 -0.03
N GLN F 77 14.29 -14.60 0.96
CA GLN F 77 13.76 -15.95 0.79
C GLN F 77 12.34 -15.88 1.32
N LYS F 78 11.37 -16.06 0.42
CA LYS F 78 9.98 -15.76 0.71
C LYS F 78 9.14 -16.98 0.36
N LEU F 79 8.16 -17.30 1.21
CA LEU F 79 7.31 -18.45 0.97
C LEU F 79 5.95 -18.22 1.61
N HIS F 80 4.99 -19.04 1.20
CA HIS F 80 3.65 -19.02 1.77
C HIS F 80 3.54 -20.08 2.86
N THR F 81 2.79 -19.76 3.92
CA THR F 81 2.48 -20.74 4.96
C THR F 81 1.11 -20.45 5.53
N GLU F 82 0.40 -21.50 5.92
CA GLU F 82 -0.87 -21.37 6.63
C GLU F 82 -0.72 -21.67 8.12
N ALA F 83 0.52 -21.77 8.62
CA ALA F 83 0.73 -22.30 9.97
C ALA F 83 0.25 -21.35 11.06
N PHE F 84 0.29 -20.04 10.83
CA PHE F 84 -0.16 -19.06 11.80
C PHE F 84 -1.63 -18.74 11.55
N VAL F 85 -2.44 -18.77 12.60
CA VAL F 85 -3.84 -18.38 12.54
C VAL F 85 -4.05 -17.24 13.52
N PRO F 86 -4.44 -16.04 13.08
CA PRO F 86 -4.63 -14.94 14.03
C PRO F 86 -5.72 -15.30 15.03
N GLY F 87 -5.54 -14.82 16.25
CA GLY F 87 -6.40 -15.18 17.36
C GLY F 87 -6.00 -16.45 18.08
N GLN F 88 -5.12 -17.27 17.50
CA GLN F 88 -4.74 -18.51 18.13
C GLN F 88 -3.32 -18.42 18.72
N PRO F 89 -3.06 -19.13 19.82
CA PRO F 89 -1.67 -19.27 20.28
C PRO F 89 -0.89 -20.18 19.33
N PHE F 90 0.41 -19.90 19.21
CA PHE F 90 1.29 -20.72 18.40
C PHE F 90 2.56 -21.00 19.17
N GLU F 91 3.25 -22.07 18.75
CA GLU F 91 4.57 -22.38 19.23
C GLU F 91 5.53 -22.30 18.04
N LEU F 92 6.53 -21.43 18.15
CA LEU F 92 7.47 -21.17 17.07
C LEU F 92 8.85 -21.62 17.52
N GLN F 93 9.45 -22.54 16.78
CA GLN F 93 10.77 -23.05 17.15
C GLN F 93 11.78 -22.73 16.08
N PHE F 94 12.97 -22.29 16.52
CA PHE F 94 14.13 -22.13 15.65
C PHE F 94 15.17 -23.12 16.12
N LEU F 95 15.58 -24.02 15.23
CA LEU F 95 16.66 -24.96 15.49
C LEU F 95 17.90 -24.48 14.75
N VAL F 96 18.98 -24.20 15.49
CA VAL F 96 20.23 -23.75 14.90
C VAL F 96 21.13 -24.96 14.70
N LEU F 97 21.38 -25.28 13.43
CA LEU F 97 22.26 -26.37 13.03
C LEU F 97 23.48 -25.81 12.33
N GLU F 98 24.41 -26.71 12.02
CA GLU F 98 25.67 -26.29 11.43
C GLU F 98 25.47 -25.59 10.09
N ASN F 99 24.49 -26.03 9.31
CA ASN F 99 24.30 -25.55 7.95
C ASN F 99 23.17 -24.53 7.79
N GLU F 100 22.20 -24.50 8.71
CA GLU F 100 20.97 -23.76 8.48
C GLU F 100 20.23 -23.61 9.80
N TYR F 101 19.33 -22.62 9.84
CA TYR F 101 18.25 -22.58 10.82
C TYR F 101 17.09 -23.41 10.29
N GLN F 102 16.49 -24.23 11.14
CA GLN F 102 15.25 -24.90 10.79
C GLN F 102 14.11 -24.29 11.58
N VAL F 103 12.98 -24.05 10.90
CA VAL F 103 11.85 -23.36 11.51
C VAL F 103 10.67 -24.32 11.61
N PHE F 104 10.08 -24.38 12.81
CA PHE F 104 8.92 -25.21 13.07
C PHE F 104 7.83 -24.36 13.71
N VAL F 105 6.58 -24.61 13.32
CA VAL F 105 5.43 -23.97 13.95
C VAL F 105 4.45 -25.06 14.36
N ASN F 106 4.09 -25.07 15.65
CA ASN F 106 3.21 -26.09 16.21
C ASN F 106 3.64 -27.50 15.79
N ASN F 107 4.92 -27.79 16.00
CA ASN F 107 5.53 -29.09 15.76
C ASN F 107 5.60 -29.48 14.28
N LYS F 108 5.44 -28.53 13.35
CA LYS F 108 5.48 -28.82 11.93
C LYS F 108 6.60 -28.02 11.27
N PRO F 109 7.44 -28.64 10.43
CA PRO F 109 8.50 -27.88 9.75
C PRO F 109 7.89 -26.92 8.75
N ILE F 110 8.36 -25.67 8.76
CA ILE F 110 7.84 -24.62 7.91
C ILE F 110 8.86 -24.24 6.83
N CYS F 111 10.11 -24.01 7.22
CA CYS F 111 11.11 -23.56 6.26
C CYS F 111 12.50 -23.68 6.88
N GLN F 112 13.50 -23.38 6.06
CA GLN F 112 14.90 -23.45 6.50
C GLN F 112 15.64 -22.28 5.88
N PHE F 113 16.69 -21.84 6.56
CA PHE F 113 17.47 -20.68 6.13
C PHE F 113 18.95 -21.01 6.26
N ALA F 114 19.61 -21.25 5.13
CA ALA F 114 21.05 -21.49 5.12
C ALA F 114 21.78 -20.27 5.68
N HIS F 115 22.85 -20.53 6.46
CA HIS F 115 23.59 -19.43 7.06
C HIS F 115 24.25 -18.56 6.00
N ARG F 116 24.12 -17.25 6.15
CA ARG F 116 24.82 -16.30 5.30
C ARG F 116 25.90 -15.53 6.06
N LEU F 117 25.75 -15.38 7.37
CA LEU F 117 26.76 -14.89 8.27
C LEU F 117 27.00 -15.94 9.34
N PRO F 118 28.17 -15.95 9.98
CA PRO F 118 28.45 -17.00 10.97
C PRO F 118 27.43 -16.99 12.10
N LEU F 119 26.95 -18.19 12.44
CA LEU F 119 26.03 -18.29 13.58
C LEU F 119 26.72 -17.87 14.86
N GLN F 120 28.05 -18.02 14.93
CA GLN F 120 28.81 -17.60 16.10
C GLN F 120 28.78 -16.09 16.32
N SER F 121 28.43 -15.31 15.30
CA SER F 121 28.39 -13.86 15.44
C SER F 121 27.07 -13.34 16.02
N VAL F 122 26.06 -14.20 16.15
CA VAL F 122 24.79 -13.79 16.75
C VAL F 122 24.96 -13.62 18.26
N LYS F 123 24.66 -12.42 18.76
CA LYS F 123 24.75 -12.16 20.19
C LYS F 123 23.45 -11.71 20.83
N MET F 124 22.38 -11.50 20.06
CA MET F 124 21.17 -10.87 20.59
C MET F 124 19.93 -11.43 19.88
N LEU F 125 19.01 -11.99 20.66
CA LEU F 125 17.72 -12.41 20.14
C LEU F 125 16.70 -11.30 20.37
N ASP F 126 15.88 -11.02 19.35
CA ASP F 126 14.84 -10.00 19.45
C ASP F 126 13.52 -10.54 18.89
N VAL F 127 12.47 -10.46 19.71
CA VAL F 127 11.15 -10.96 19.33
C VAL F 127 10.15 -9.83 19.51
N ARG F 128 9.33 -9.59 18.49
CA ARG F 128 8.36 -8.50 18.56
C ARG F 128 7.25 -8.74 17.54
N GLY F 129 6.18 -7.97 17.69
CA GLY F 129 5.13 -7.97 16.68
C GLY F 129 3.77 -7.80 17.32
N ASP F 130 2.73 -8.02 16.51
CA ASP F 130 1.34 -7.88 16.95
C ASP F 130 0.93 -9.16 17.67
N ILE F 131 1.49 -9.34 18.85
CA ILE F 131 1.43 -10.61 19.56
C ILE F 131 1.35 -10.33 21.05
N VAL F 132 0.79 -11.29 21.79
CA VAL F 132 0.94 -11.39 23.24
C VAL F 132 2.00 -12.47 23.47
N LEU F 133 3.17 -12.07 23.95
CA LEU F 133 4.30 -12.97 24.05
C LEU F 133 4.32 -13.62 25.44
N THR F 134 4.15 -14.94 25.49
CA THR F 134 4.05 -15.60 26.78
C THR F 134 5.34 -16.28 27.25
N SER F 135 6.14 -16.85 26.36
CA SER F 135 7.39 -17.44 26.82
C SER F 135 8.42 -17.49 25.70
N VAL F 136 9.68 -17.32 26.07
CA VAL F 136 10.83 -17.49 25.18
C VAL F 136 11.84 -18.36 25.92
N ASP F 137 12.16 -19.52 25.35
CA ASP F 137 13.08 -20.44 25.99
C ASP F 137 14.19 -20.82 25.04
N THR F 138 15.40 -20.98 25.57
CA THR F 138 16.52 -21.46 24.78
C THR F 138 17.19 -22.62 25.49
N LEU F 139 17.76 -23.53 24.70
CA LEU F 139 18.55 -24.63 25.23
C LEU F 139 19.76 -24.91 24.33
N SER G 5 42.31 12.22 -24.56
CA SER G 5 42.24 12.10 -23.11
C SER G 5 41.33 10.94 -22.73
N LEU G 6 41.19 10.69 -21.43
CA LEU G 6 40.39 9.56 -20.96
C LEU G 6 38.89 9.85 -21.12
N PRO G 7 38.07 8.82 -21.25
CA PRO G 7 36.61 9.03 -21.25
C PRO G 7 36.15 9.77 -19.99
N ASN G 8 35.13 10.60 -20.17
CA ASN G 8 34.56 11.41 -19.09
C ASN G 8 33.04 11.41 -19.28
N PRO G 9 32.29 10.74 -18.39
CA PRO G 9 32.70 10.08 -17.13
C PRO G 9 33.64 8.88 -17.27
N TYR G 10 34.49 8.72 -16.27
CA TYR G 10 35.45 7.64 -16.17
C TYR G 10 34.98 6.67 -15.09
N LEU G 11 34.99 5.38 -15.40
CA LEU G 11 34.64 4.34 -14.45
C LEU G 11 35.80 3.38 -14.29
N GLN G 12 35.90 2.81 -13.08
CA GLN G 12 36.88 1.76 -12.83
C GLN G 12 36.44 0.94 -11.63
N SER G 13 36.37 -0.37 -11.81
CA SER G 13 36.12 -1.26 -10.69
C SER G 13 37.32 -1.22 -9.72
N VAL G 14 37.02 -1.20 -8.43
CA VAL G 14 38.05 -1.06 -7.41
C VAL G 14 37.73 -1.98 -6.23
N SER G 15 38.77 -2.20 -5.42
CA SER G 15 38.63 -2.85 -4.12
C SER G 15 39.51 -2.07 -3.15
N LEU G 16 38.90 -1.36 -2.20
CA LEU G 16 39.67 -0.51 -1.31
C LEU G 16 40.29 -1.32 -0.19
N THR G 17 41.37 -0.76 0.39
CA THR G 17 42.01 -1.24 1.63
C THR G 17 42.19 -0.05 2.57
N VAL G 18 42.77 -0.30 3.75
CA VAL G 18 43.03 0.73 4.75
C VAL G 18 44.33 1.47 4.45
N CYS G 19 44.93 1.17 3.30
CA CYS G 19 46.07 1.94 2.83
C CYS G 19 46.01 1.89 1.30
N TYR G 20 45.16 2.74 0.72
CA TYR G 20 44.82 2.74 -0.69
C TYR G 20 44.81 4.18 -1.19
N MET G 21 45.35 4.40 -2.40
CA MET G 21 45.42 5.75 -2.94
C MET G 21 44.83 5.80 -4.34
N VAL G 22 44.10 6.88 -4.61
CA VAL G 22 43.62 7.25 -5.93
C VAL G 22 44.28 8.57 -6.30
N LYS G 23 44.90 8.62 -7.48
CA LYS G 23 45.47 9.86 -7.98
C LYS G 23 44.83 10.21 -9.31
N ILE G 24 44.22 11.39 -9.36
CA ILE G 24 43.51 11.90 -10.52
C ILE G 24 44.25 13.14 -11.01
N LYS G 25 44.58 13.17 -12.30
CA LYS G 25 45.15 14.37 -12.92
C LYS G 25 44.21 14.84 -14.03
N ALA G 26 43.83 16.11 -13.96
CA ALA G 26 42.90 16.62 -14.96
C ALA G 26 43.13 18.11 -15.14
N ASN G 27 42.59 18.62 -16.24
CA ASN G 27 42.53 20.06 -16.53
C ASN G 27 41.13 20.55 -16.17
N LEU G 28 41.05 21.54 -15.29
CA LEU G 28 39.76 22.16 -15.00
C LEU G 28 39.39 23.10 -16.15
N LEU G 29 38.22 22.90 -16.74
CA LEU G 29 37.81 23.76 -17.85
C LEU G 29 37.34 25.11 -17.30
N SER G 30 37.16 26.08 -18.21
CA SER G 30 36.56 27.37 -17.87
C SER G 30 35.42 27.64 -18.85
N PRO G 31 34.28 26.98 -18.64
CA PRO G 31 33.15 27.18 -19.54
C PRO G 31 32.53 28.55 -19.31
N PHE G 32 31.97 29.11 -20.39
CA PHE G 32 31.47 30.47 -20.32
C PHE G 32 30.14 30.51 -19.57
N GLY G 33 30.03 31.50 -18.68
CA GLY G 33 28.78 31.75 -18.01
C GLY G 33 28.36 30.69 -17.01
N LYS G 34 29.24 29.77 -16.66
CA LYS G 34 28.97 28.83 -15.58
C LYS G 34 30.28 28.45 -14.90
N ASN G 35 30.16 27.92 -13.75
CA ASN G 35 31.39 27.45 -13.14
C ASN G 35 31.57 25.96 -13.37
N PRO G 36 32.77 25.51 -13.69
CA PRO G 36 32.99 24.07 -13.91
C PRO G 36 32.83 23.30 -12.62
N GLU G 37 32.32 22.07 -12.73
CA GLU G 37 32.26 21.24 -11.54
C GLU G 37 33.01 19.92 -11.74
N LEU G 38 33.26 19.28 -10.60
CA LEU G 38 34.03 18.05 -10.52
C LEU G 38 33.33 17.12 -9.55
N GLN G 39 33.26 15.84 -9.89
CA GLN G 39 32.59 14.89 -9.01
C GLN G 39 33.30 13.54 -9.02
N VAL G 40 33.64 13.05 -7.84
CA VAL G 40 34.25 11.73 -7.68
C VAL G 40 33.37 10.90 -6.77
N ASP G 41 32.93 9.75 -7.25
CA ASP G 41 32.15 8.81 -6.45
C ASP G 41 32.99 7.58 -6.13
N PHE G 42 33.05 7.25 -4.85
CA PHE G 42 33.44 5.92 -4.39
C PHE G 42 32.12 5.19 -4.17
N GLY G 43 31.64 4.52 -5.21
CA GLY G 43 30.33 3.92 -5.22
C GLY G 43 30.33 2.41 -5.06
N THR G 44 29.13 1.87 -5.04
CA THR G 44 28.89 0.48 -4.71
C THR G 44 28.65 -0.41 -5.94
N GLY G 49 20.38 2.67 -8.75
CA GLY G 49 20.68 3.72 -7.79
C GLY G 49 21.19 3.21 -6.45
N GLY G 50 22.25 2.41 -6.48
CA GLY G 50 22.80 1.83 -5.28
C GLY G 50 23.51 2.86 -4.41
N ASP G 51 23.97 2.38 -3.25
CA ASP G 51 24.54 3.27 -2.24
C ASP G 51 25.85 3.89 -2.73
N ILE G 52 26.15 5.09 -2.22
CA ILE G 52 27.41 5.75 -2.47
C ILE G 52 28.08 6.07 -1.14
N PRO G 53 28.98 5.21 -0.68
CA PRO G 53 29.72 5.50 0.56
C PRO G 53 30.33 6.89 0.62
N PHE G 54 30.78 7.44 -0.51
CA PHE G 54 31.47 8.73 -0.47
C PHE G 54 31.42 9.42 -1.82
N ARG G 55 30.74 10.56 -1.88
CA ARG G 55 30.79 11.44 -3.05
C ARG G 55 31.56 12.69 -2.70
N PHE G 56 32.54 13.04 -3.54
CA PHE G 56 33.28 14.30 -3.48
C PHE G 56 32.78 15.19 -4.62
N TRP G 57 32.29 16.38 -4.28
CA TRP G 57 31.75 17.31 -5.27
C TRP G 57 32.40 18.67 -5.09
N TYR G 58 32.81 19.29 -6.19
CA TYR G 58 33.43 20.60 -6.15
C TYR G 58 32.82 21.51 -7.21
N CYS G 59 32.60 22.77 -6.82
CA CYS G 59 32.23 23.81 -7.77
C CYS G 59 32.38 25.17 -7.13
N ASP G 60 33.13 26.07 -7.77
CA ASP G 60 33.11 27.49 -7.41
C ASP G 60 33.59 27.72 -5.98
N GLY G 61 34.75 27.16 -5.65
CA GLY G 61 35.29 27.31 -4.31
C GLY G 61 34.55 26.58 -3.21
N ILE G 62 33.58 25.73 -3.52
CA ILE G 62 32.86 24.94 -2.54
C ILE G 62 33.11 23.46 -2.79
N VAL G 63 33.48 22.73 -1.74
CA VAL G 63 33.48 21.27 -1.74
C VAL G 63 32.28 20.81 -0.93
N VAL G 64 31.56 19.81 -1.45
CA VAL G 64 30.50 19.15 -0.72
C VAL G 64 30.76 17.65 -0.76
N MET G 65 30.79 17.02 0.42
CA MET G 65 30.98 15.59 0.53
C MET G 65 29.78 14.98 1.23
N ASN G 66 29.34 13.81 0.77
CA ASN G 66 28.16 13.19 1.36
C ASN G 66 28.09 11.71 1.01
N THR G 67 27.12 11.03 1.62
CA THR G 67 26.89 9.61 1.50
C THR G 67 25.43 9.37 1.13
N LEU G 68 25.21 8.46 0.18
CA LEU G 68 23.87 8.04 -0.23
C LEU G 68 23.62 6.64 0.30
N LYS G 69 22.55 6.47 1.06
CA LYS G 69 22.27 5.20 1.73
C LYS G 69 20.77 4.95 1.68
N ASP G 70 20.36 3.84 1.06
CA ASP G 70 18.94 3.50 0.92
C ASP G 70 18.13 4.66 0.34
N GLY G 71 18.63 5.20 -0.77
CA GLY G 71 18.00 6.33 -1.45
C GLY G 71 18.06 7.65 -0.74
N SER G 72 18.70 7.75 0.42
CA SER G 72 18.73 8.98 1.18
C SER G 72 20.15 9.54 1.27
N TRP G 73 20.31 10.82 0.94
CA TRP G 73 21.56 11.53 1.20
C TRP G 73 21.61 11.99 2.67
N GLY G 74 22.77 11.82 3.29
CA GLY G 74 22.96 12.17 4.68
C GLY G 74 23.27 13.64 4.86
N LYS G 75 23.89 13.95 6.00
CA LYS G 75 24.21 15.34 6.32
C LYS G 75 25.49 15.75 5.60
N GLU G 76 25.41 16.82 4.81
CA GLU G 76 26.55 17.30 4.03
C GLU G 76 27.72 17.72 4.91
N GLN G 77 28.93 17.51 4.40
CA GLN G 77 30.14 18.15 4.90
C GLN G 77 30.61 19.13 3.84
N LYS G 78 30.64 20.41 4.17
CA LYS G 78 30.85 21.47 3.19
C LYS G 78 31.99 22.36 3.64
N LEU G 79 32.77 22.86 2.68
CA LEU G 79 33.89 23.73 3.03
C LEU G 79 34.28 24.55 1.81
N HIS G 80 35.03 25.62 2.07
CA HIS G 80 35.62 26.45 1.04
C HIS G 80 37.06 26.02 0.78
N THR G 81 37.48 26.15 -0.46
CA THR G 81 38.85 25.88 -0.85
C THR G 81 39.14 26.69 -2.10
N GLU G 82 40.34 27.25 -2.16
CA GLU G 82 40.84 27.91 -3.36
C GLU G 82 41.71 26.99 -4.20
N ALA G 83 41.68 25.68 -3.92
CA ALA G 83 42.70 24.79 -4.49
C ALA G 83 42.53 24.58 -5.99
N PHE G 84 41.30 24.64 -6.52
CA PHE G 84 41.02 24.39 -7.94
C PHE G 84 40.91 25.71 -8.69
N VAL G 85 41.99 26.11 -9.35
CA VAL G 85 41.95 27.30 -10.21
C VAL G 85 41.44 26.88 -11.59
N PRO G 86 40.38 27.51 -12.12
CA PRO G 86 39.87 27.07 -13.43
C PRO G 86 40.87 27.39 -14.52
N GLY G 87 40.83 26.59 -15.57
CA GLY G 87 41.80 26.67 -16.62
C GLY G 87 43.16 26.12 -16.28
N GLN G 88 43.34 25.54 -15.10
CA GLN G 88 44.64 25.03 -14.71
C GLN G 88 44.57 23.52 -14.51
N PRO G 89 45.65 22.80 -14.81
CA PRO G 89 45.71 21.39 -14.44
C PRO G 89 45.82 21.23 -12.93
N PHE G 90 45.27 20.14 -12.43
CA PHE G 90 45.35 19.82 -11.00
C PHE G 90 45.60 18.34 -10.81
N GLU G 91 46.10 18.01 -9.63
CA GLU G 91 46.27 16.64 -9.17
C GLU G 91 45.46 16.45 -7.90
N LEU G 92 44.48 15.55 -7.97
CA LEU G 92 43.54 15.30 -6.88
C LEU G 92 43.78 13.87 -6.37
N GLN G 93 44.12 13.75 -5.09
CA GLN G 93 44.43 12.47 -4.49
C GLN G 93 43.44 12.16 -3.38
N PHE G 94 42.96 10.92 -3.39
CA PHE G 94 42.19 10.38 -2.29
C PHE G 94 43.05 9.30 -1.63
N LEU G 95 43.17 9.37 -0.32
CA LEU G 95 43.87 8.39 0.48
C LEU G 95 42.83 7.69 1.35
N VAL G 96 42.70 6.38 1.21
CA VAL G 96 41.76 5.62 2.01
C VAL G 96 42.52 5.02 3.20
N LEU G 97 42.15 5.43 4.40
CA LEU G 97 42.69 4.90 5.64
C LEU G 97 41.60 4.17 6.41
N GLU G 98 41.99 3.53 7.51
CA GLU G 98 41.03 2.79 8.33
C GLU G 98 39.87 3.67 8.78
N ASN G 99 40.15 4.94 9.11
CA ASN G 99 39.18 5.81 9.72
C ASN G 99 38.50 6.79 8.76
N GLU G 100 39.08 7.06 7.60
CA GLU G 100 38.60 8.18 6.81
C GLU G 100 39.25 8.16 5.45
N TYR G 101 38.64 8.91 4.51
CA TYR G 101 39.30 9.38 3.31
C TYR G 101 40.01 10.69 3.62
N GLN G 102 41.24 10.84 3.12
CA GLN G 102 41.95 12.12 3.13
C GLN G 102 42.07 12.64 1.70
N VAL G 103 41.87 13.94 1.52
CA VAL G 103 41.83 14.58 0.21
C VAL G 103 43.00 15.54 0.10
N PHE G 104 43.74 15.45 -1.00
CA PHE G 104 44.83 16.35 -1.31
C PHE G 104 44.62 16.92 -2.70
N VAL G 105 44.95 18.19 -2.87
CA VAL G 105 45.00 18.82 -4.20
C VAL G 105 46.34 19.49 -4.34
N ASN G 106 47.06 19.14 -5.42
CA ASN G 106 48.37 19.70 -5.73
C ASN G 106 49.29 19.64 -4.51
N ASN G 107 49.32 18.46 -3.88
CA ASN G 107 50.23 18.12 -2.78
C ASN G 107 49.88 18.84 -1.48
N LYS G 108 48.64 19.31 -1.34
CA LYS G 108 48.21 20.02 -0.14
C LYS G 108 46.93 19.40 0.41
N PRO G 109 46.85 19.16 1.72
CA PRO G 109 45.62 18.62 2.30
C PRO G 109 44.49 19.62 2.23
N ILE G 110 43.31 19.13 1.84
CA ILE G 110 42.14 19.97 1.67
C ILE G 110 41.07 19.67 2.71
N CYS G 111 40.74 18.39 2.91
CA CYS G 111 39.66 17.99 3.80
C CYS G 111 39.73 16.48 4.03
N GLN G 112 38.95 16.00 4.99
CA GLN G 112 38.88 14.57 5.32
C GLN G 112 37.43 14.17 5.52
N PHE G 113 37.13 12.90 5.23
CA PHE G 113 35.76 12.39 5.28
C PHE G 113 35.77 11.07 6.03
N ALA G 114 35.23 11.08 7.26
CA ALA G 114 35.12 9.87 8.05
C ALA G 114 34.17 8.88 7.38
N HIS G 115 34.54 7.59 7.39
CA HIS G 115 33.71 6.58 6.73
C HIS G 115 32.33 6.52 7.37
N ARG G 116 31.30 6.54 6.53
CA ARG G 116 29.94 6.31 7.00
C ARG G 116 29.44 4.93 6.65
N LEU G 117 29.83 4.41 5.49
CA LEU G 117 29.63 3.04 5.07
C LEU G 117 30.99 2.36 4.92
N PRO G 118 31.07 1.04 5.07
CA PRO G 118 32.38 0.38 5.05
C PRO G 118 33.12 0.64 3.74
N LEU G 119 34.41 0.98 3.86
CA LEU G 119 35.24 1.11 2.68
C LEU G 119 35.30 -0.19 1.89
N GLN G 120 35.05 -1.33 2.54
CA GLN G 120 35.00 -2.60 1.82
C GLN G 120 33.79 -2.72 0.91
N SER G 121 32.79 -1.84 1.05
CA SER G 121 31.62 -1.93 0.19
C SER G 121 31.78 -1.17 -1.11
N VAL G 122 32.86 -0.39 -1.27
CA VAL G 122 33.09 0.35 -2.51
C VAL G 122 33.54 -0.61 -3.60
N LYS G 123 32.82 -0.59 -4.72
CA LYS G 123 33.13 -1.46 -5.85
C LYS G 123 33.51 -0.71 -7.11
N MET G 124 33.26 0.60 -7.18
CA MET G 124 33.30 1.32 -8.45
C MET G 124 33.70 2.77 -8.21
N LEU G 125 34.76 3.20 -8.87
CA LEU G 125 35.21 4.59 -8.84
C LEU G 125 34.62 5.31 -10.05
N ASP G 126 34.08 6.51 -9.86
CA ASP G 126 33.49 7.29 -10.94
C ASP G 126 34.03 8.71 -10.88
N VAL G 127 34.68 9.17 -11.97
CA VAL G 127 35.21 10.51 -12.08
C VAL G 127 34.54 11.21 -13.25
N ARG G 128 34.07 12.43 -13.02
CA ARG G 128 33.39 13.18 -14.08
C ARG G 128 33.40 14.66 -13.75
N GLY G 129 33.10 15.47 -14.75
CA GLY G 129 32.92 16.90 -14.55
C GLY G 129 33.35 17.69 -15.77
N ASP G 130 33.36 19.01 -15.59
CA ASP G 130 33.82 19.96 -16.61
C ASP G 130 35.36 19.99 -16.60
N ILE G 131 35.94 18.89 -17.07
CA ILE G 131 37.38 18.68 -16.98
C ILE G 131 37.84 17.93 -18.23
N VAL G 132 39.13 18.00 -18.50
CA VAL G 132 39.79 17.08 -19.41
C VAL G 132 40.60 16.12 -18.53
N LEU G 133 40.14 14.87 -18.47
CA LEU G 133 40.74 13.86 -17.60
C LEU G 133 41.94 13.23 -18.30
N THR G 134 43.12 13.36 -17.70
CA THR G 134 44.30 12.83 -18.37
C THR G 134 44.81 11.52 -17.76
N SER G 135 44.69 11.32 -16.46
CA SER G 135 45.06 10.02 -15.89
C SER G 135 44.34 9.77 -14.58
N VAL G 136 44.05 8.50 -14.32
CA VAL G 136 43.53 8.01 -13.06
C VAL G 136 44.36 6.79 -12.68
N ASP G 137 45.05 6.86 -11.55
CA ASP G 137 45.88 5.76 -11.08
C ASP G 137 45.48 5.35 -9.68
N THR G 138 45.68 4.07 -9.35
CA THR G 138 45.40 3.55 -8.02
C THR G 138 46.52 2.62 -7.60
N LEU G 139 46.71 2.50 -6.29
CA LEU G 139 47.75 1.63 -5.73
C LEU G 139 47.35 1.17 -4.33
N SER H 5 31.07 -18.62 26.02
CA SER H 5 30.26 -18.05 27.10
C SER H 5 29.26 -17.02 26.58
N LEU H 6 28.43 -16.52 27.49
CA LEU H 6 27.36 -15.59 27.17
C LEU H 6 27.89 -14.17 27.01
N PRO H 7 27.23 -13.34 26.20
CA PRO H 7 27.61 -11.93 26.12
C PRO H 7 27.65 -11.29 27.49
N ASN H 8 28.57 -10.38 27.67
CA ASN H 8 28.78 -9.71 28.94
C ASN H 8 29.15 -8.28 28.63
N PRO H 9 28.24 -7.33 28.89
CA PRO H 9 26.96 -7.47 29.60
C PRO H 9 25.89 -8.32 28.91
N TYR H 10 25.05 -8.92 29.75
CA TYR H 10 23.94 -9.76 29.35
C TYR H 10 22.64 -9.03 29.64
N LEU H 11 21.72 -9.06 28.68
CA LEU H 11 20.40 -8.46 28.81
C LEU H 11 19.33 -9.52 28.63
N GLN H 12 18.21 -9.36 29.34
CA GLN H 12 17.05 -10.21 29.09
C GLN H 12 15.78 -9.51 29.59
N SER H 13 14.82 -9.32 28.70
CA SER H 13 13.52 -8.82 29.11
C SER H 13 12.88 -9.83 30.04
N VAL H 14 12.28 -9.35 31.13
CA VAL H 14 11.64 -10.20 32.13
C VAL H 14 10.29 -9.62 32.52
N SER H 15 9.50 -10.45 33.20
CA SER H 15 8.28 -10.03 33.87
C SER H 15 8.21 -10.78 35.19
N LEU H 16 8.42 -10.06 36.30
CA LEU H 16 8.57 -10.71 37.59
C LEU H 16 7.20 -11.08 38.17
N THR H 17 7.22 -11.99 39.15
CA THR H 17 6.04 -12.35 39.92
C THR H 17 6.45 -12.47 41.37
N VAL H 18 5.48 -12.77 42.26
CA VAL H 18 5.77 -12.92 43.68
C VAL H 18 6.43 -14.25 43.98
N CYS H 19 6.68 -15.08 42.97
CA CYS H 19 7.37 -16.34 43.16
C CYS H 19 8.15 -16.54 41.87
N TYR H 20 9.34 -15.94 41.80
CA TYR H 20 10.12 -15.87 40.58
C TYR H 20 11.59 -15.98 40.92
N MET H 21 12.31 -16.78 40.15
CA MET H 21 13.72 -17.05 40.42
C MET H 21 14.59 -16.69 39.22
N VAL H 22 15.72 -16.05 39.51
CA VAL H 22 16.83 -15.86 38.57
C VAL H 22 18.02 -16.65 39.09
N LYS H 23 18.63 -17.45 38.22
CA LYS H 23 19.82 -18.21 38.60
C LYS H 23 20.95 -17.89 37.63
N ILE H 24 22.03 -17.32 38.16
CA ILE H 24 23.20 -16.92 37.40
C ILE H 24 24.35 -17.84 37.77
N LYS H 25 25.00 -18.42 36.76
CA LYS H 25 26.21 -19.18 36.97
C LYS H 25 27.34 -18.49 36.20
N ALA H 26 28.45 -18.23 36.88
CA ALA H 26 29.56 -17.52 36.24
C ALA H 26 30.87 -17.88 36.92
N ASN H 27 31.97 -17.48 36.30
CA ASN H 27 33.29 -17.64 36.89
C ASN H 27 33.82 -16.26 37.21
N LEU H 28 34.10 -16.02 38.49
CA LEU H 28 34.72 -14.77 38.89
C LEU H 28 36.19 -14.75 38.43
N LEU H 29 36.57 -13.69 37.73
CA LEU H 29 37.94 -13.53 37.26
C LEU H 29 38.87 -13.09 38.39
N SER H 30 40.16 -13.22 38.15
CA SER H 30 41.21 -12.75 39.07
C SER H 30 42.16 -11.84 38.31
N PRO H 31 41.73 -10.63 37.95
CA PRO H 31 42.62 -9.75 37.19
C PRO H 31 43.74 -9.20 38.08
N PHE H 32 44.96 -9.27 37.57
CA PHE H 32 46.07 -8.57 38.18
C PHE H 32 45.84 -7.07 38.05
N GLY H 33 45.81 -6.36 39.17
CA GLY H 33 45.69 -4.93 39.11
C GLY H 33 44.32 -4.34 39.37
N LYS H 34 43.29 -5.16 39.60
CA LYS H 34 42.03 -4.62 40.07
C LYS H 34 41.19 -5.73 40.71
N ASN H 35 40.27 -5.32 41.58
CA ASN H 35 39.35 -6.25 42.20
C ASN H 35 38.18 -6.50 41.25
N PRO H 36 37.84 -7.76 40.96
CA PRO H 36 36.73 -8.03 40.04
C PRO H 36 35.40 -7.56 40.62
N GLU H 37 34.61 -6.89 39.79
CA GLU H 37 33.29 -6.42 40.13
C GLU H 37 32.21 -7.30 39.50
N LEU H 38 31.02 -7.24 40.10
CA LEU H 38 29.83 -7.93 39.62
C LEU H 38 28.65 -6.98 39.81
N GLN H 39 27.74 -6.92 38.84
CA GLN H 39 26.58 -6.05 38.98
C GLN H 39 25.37 -6.64 38.26
N VAL H 40 24.25 -6.73 38.96
CA VAL H 40 22.99 -7.25 38.43
C VAL H 40 21.92 -6.18 38.64
N ASP H 41 21.25 -5.78 37.56
CA ASP H 41 20.20 -4.77 37.62
C ASP H 41 18.86 -5.40 37.30
N PHE H 42 17.90 -5.26 38.20
CA PHE H 42 16.49 -5.46 37.86
C PHE H 42 15.92 -4.08 37.53
N GLY H 43 15.88 -3.74 36.25
CA GLY H 43 15.53 -2.40 35.83
C GLY H 43 14.20 -2.26 35.12
N THR H 44 13.70 -1.04 35.00
CA THR H 44 12.45 -0.79 34.32
C THR H 44 12.56 -0.89 32.81
N GLY H 45 13.77 -0.89 32.26
CA GLY H 45 13.95 -0.90 30.82
C GLY H 45 13.32 0.29 30.11
N THR H 46 13.47 1.49 30.66
CA THR H 46 12.93 2.72 30.08
C THR H 46 14.05 3.65 29.67
N GLY H 47 15.11 3.11 29.07
CA GLY H 47 16.20 3.91 28.57
C GLY H 47 17.27 4.19 29.62
N GLN H 48 18.26 5.00 29.20
CA GLN H 48 19.47 5.20 30.01
C GLN H 48 19.15 5.87 31.34
N GLY H 49 18.18 6.78 31.37
CA GLY H 49 17.91 7.39 32.66
C GLY H 49 17.05 6.55 33.61
N GLY H 50 16.51 5.43 33.14
CA GLY H 50 15.31 4.87 33.75
C GLY H 50 15.52 4.32 35.15
N ASP H 51 14.41 4.17 35.85
CA ASP H 51 14.43 3.63 37.21
C ASP H 51 15.00 2.22 37.24
N ILE H 52 15.69 1.93 38.33
CA ILE H 52 16.17 0.59 38.62
C ILE H 52 15.65 0.21 40.00
N PRO H 53 14.55 -0.55 40.08
CA PRO H 53 14.04 -0.97 41.39
C PRO H 53 15.07 -1.68 42.26
N PHE H 54 15.99 -2.44 41.67
CA PHE H 54 16.94 -3.20 42.48
C PHE H 54 18.24 -3.38 41.69
N ARG H 55 19.34 -2.85 42.24
CA ARG H 55 20.69 -3.11 41.78
C ARG H 55 21.44 -3.89 42.85
N PHE H 56 22.08 -4.97 42.44
CA PHE H 56 22.94 -5.77 43.30
C PHE H 56 24.37 -5.62 42.80
N TRP H 57 25.27 -5.17 43.66
CA TRP H 57 26.66 -4.93 43.30
C TRP H 57 27.58 -5.59 44.32
N TYR H 58 28.63 -6.24 43.82
CA TYR H 58 29.61 -6.91 44.66
C TYR H 58 31.01 -6.57 44.18
N CYS H 59 31.91 -6.37 45.14
CA CYS H 59 33.34 -6.24 44.87
C CYS H 59 34.13 -6.37 46.16
N ASP H 60 35.12 -7.26 46.18
CA ASP H 60 36.15 -7.26 47.22
C ASP H 60 35.53 -7.42 48.62
N GLY H 61 34.63 -8.39 48.75
CA GLY H 61 34.02 -8.71 50.02
C GLY H 61 32.82 -7.86 50.41
N ILE H 62 32.40 -6.91 49.58
CA ILE H 62 31.33 -5.98 49.91
C ILE H 62 30.17 -6.16 48.93
N VAL H 63 28.95 -6.27 49.47
CA VAL H 63 27.72 -6.18 48.69
C VAL H 63 27.09 -4.81 48.92
N VAL H 64 26.66 -4.16 47.85
CA VAL H 64 25.89 -2.93 47.92
C VAL H 64 24.60 -3.13 47.13
N MET H 65 23.47 -2.87 47.77
CA MET H 65 22.17 -2.91 47.10
C MET H 65 21.50 -1.55 47.22
N ASN H 66 20.83 -1.14 46.17
CA ASN H 66 20.24 0.20 46.16
C ASN H 66 19.19 0.27 45.06
N THR H 67 18.52 1.40 45.00
CA THR H 67 17.42 1.65 44.09
C THR H 67 17.62 3.00 43.45
N LEU H 68 17.37 3.07 42.15
CA LEU H 68 17.40 4.32 41.38
C LEU H 68 15.98 4.74 41.04
N LYS H 69 15.57 5.90 41.54
CA LYS H 69 14.21 6.42 41.33
C LYS H 69 14.30 7.90 40.95
N ASP H 70 13.71 8.26 39.81
CA ASP H 70 13.65 9.64 39.33
C ASP H 70 15.03 10.29 39.23
N GLY H 71 16.05 9.49 38.92
CA GLY H 71 17.37 10.03 38.69
C GLY H 71 18.30 10.07 39.88
N SER H 72 17.85 9.63 41.06
CA SER H 72 18.75 9.60 42.22
C SER H 72 18.71 8.23 42.90
N TRP H 73 19.88 7.82 43.39
CA TRP H 73 19.99 6.59 44.16
C TRP H 73 19.66 6.86 45.61
N GLY H 74 19.05 5.88 46.26
CA GLY H 74 18.61 6.00 47.64
C GLY H 74 19.69 5.60 48.62
N LYS H 75 19.26 5.29 49.84
CA LYS H 75 20.21 4.86 50.86
C LYS H 75 20.71 3.46 50.52
N GLU H 76 22.02 3.30 50.46
CA GLU H 76 22.59 1.99 50.16
C GLU H 76 22.30 1.02 51.30
N GLN H 77 22.12 -0.23 50.94
CA GLN H 77 22.17 -1.34 51.87
C GLN H 77 23.47 -2.09 51.61
N LYS H 78 24.31 -2.18 52.63
CA LYS H 78 25.71 -2.57 52.50
C LYS H 78 26.00 -3.65 53.52
N LEU H 79 26.70 -4.70 53.11
CA LEU H 79 27.07 -5.77 54.01
C LEU H 79 28.36 -6.40 53.50
N HIS H 80 28.97 -7.22 54.36
CA HIS H 80 30.19 -7.94 54.05
C HIS H 80 29.86 -9.41 53.79
N THR H 81 30.56 -10.00 52.83
CA THR H 81 30.35 -11.42 52.56
C THR H 81 31.64 -12.00 52.00
N GLU H 82 31.81 -13.30 52.23
CA GLU H 82 32.95 -14.07 51.74
C GLU H 82 32.53 -15.12 50.74
N ALA H 83 31.28 -15.06 50.25
CA ALA H 83 30.74 -16.16 49.44
C ALA H 83 31.32 -16.17 48.02
N PHE H 84 31.76 -15.03 47.51
CA PHE H 84 32.33 -14.98 46.15
C PHE H 84 33.83 -15.24 46.24
N VAL H 85 34.20 -16.51 46.15
CA VAL H 85 35.61 -16.90 46.17
C VAL H 85 36.25 -16.50 44.85
N PRO H 86 37.23 -15.61 44.85
CA PRO H 86 37.80 -15.15 43.57
C PRO H 86 38.49 -16.30 42.84
N GLY H 87 38.44 -16.23 41.52
CA GLY H 87 38.91 -17.31 40.69
C GLY H 87 38.04 -18.54 40.66
N GLN H 88 36.85 -18.49 41.25
CA GLN H 88 36.04 -19.71 41.33
C GLN H 88 34.70 -19.55 40.63
N PRO H 89 34.14 -20.66 40.13
CA PRO H 89 32.74 -20.66 39.67
C PRO H 89 31.79 -20.41 40.84
N PHE H 90 30.76 -19.59 40.58
CA PHE H 90 29.72 -19.37 41.58
C PHE H 90 28.34 -19.50 40.96
N GLU H 91 27.37 -19.78 41.82
CA GLU H 91 25.96 -19.76 41.45
C GLU H 91 25.26 -18.68 42.28
N LEU H 92 24.71 -17.68 41.60
CA LEU H 92 24.04 -16.56 42.25
C LEU H 92 22.54 -16.65 41.95
N GLN H 93 21.73 -16.63 43.00
CA GLN H 93 20.28 -16.75 42.84
C GLN H 93 19.58 -15.53 43.43
N PHE H 94 18.58 -15.06 42.71
CA PHE H 94 17.69 -14.00 43.16
C PHE H 94 16.29 -14.58 43.19
N LEU H 95 15.70 -14.62 44.38
CA LEU H 95 14.33 -15.08 44.56
C LEU H 95 13.43 -13.87 44.77
N VAL H 96 12.44 -13.70 43.92
CA VAL H 96 11.51 -12.56 43.98
C VAL H 96 10.27 -13.02 44.73
N LEU H 97 10.03 -12.46 45.91
CA LEU H 97 8.85 -12.74 46.72
C LEU H 97 8.01 -11.48 46.87
N GLU H 98 6.84 -11.67 47.49
CA GLU H 98 5.91 -10.56 47.69
C GLU H 98 6.58 -9.37 48.37
N ASN H 99 7.39 -9.63 49.38
CA ASN H 99 7.94 -8.57 50.23
C ASN H 99 9.38 -8.20 49.90
N GLU H 100 10.16 -9.09 49.28
CA GLU H 100 11.60 -8.86 49.19
C GLU H 100 12.21 -9.69 48.07
N TYR H 101 13.43 -9.29 47.68
CA TYR H 101 14.34 -10.18 46.98
C TYR H 101 15.17 -10.92 48.02
N GLN H 102 15.27 -12.23 47.88
CA GLN H 102 16.23 -13.01 48.65
C GLN H 102 17.39 -13.42 47.74
N VAL H 103 18.61 -13.28 48.27
CA VAL H 103 19.83 -13.55 47.52
C VAL H 103 20.52 -14.77 48.09
N PHE H 104 20.93 -15.68 47.21
CA PHE H 104 21.70 -16.88 47.57
C PHE H 104 22.93 -16.99 46.69
N VAL H 105 24.05 -17.38 47.29
CA VAL H 105 25.29 -17.69 46.58
C VAL H 105 25.74 -19.09 46.99
N ASN H 106 25.92 -19.97 46.00
CA ASN H 106 26.33 -21.36 46.21
C ASN H 106 25.47 -22.02 47.29
N ASN H 107 24.15 -21.89 47.16
CA ASN H 107 23.14 -22.53 48.01
C ASN H 107 23.10 -21.98 49.43
N LYS H 108 23.73 -20.84 49.69
CA LYS H 108 23.72 -20.25 51.03
C LYS H 108 23.06 -18.87 50.97
N PRO H 109 22.21 -18.54 51.94
CA PRO H 109 21.56 -17.22 51.94
C PRO H 109 22.57 -16.14 52.30
N ILE H 110 22.53 -15.03 51.57
CA ILE H 110 23.49 -13.95 51.72
C ILE H 110 22.84 -12.70 52.30
N CYS H 111 21.72 -12.27 51.72
CA CYS H 111 21.10 -11.02 52.11
C CYS H 111 19.73 -10.93 51.46
N GLN H 112 18.95 -9.96 51.91
CA GLN H 112 17.61 -9.74 51.39
C GLN H 112 17.40 -8.24 51.21
N PHE H 113 16.55 -7.90 50.25
CA PHE H 113 16.30 -6.51 49.88
C PHE H 113 14.79 -6.29 49.78
N ALA H 114 14.24 -5.49 50.69
CA ALA H 114 12.82 -5.16 50.65
C ALA H 114 12.49 -4.30 49.44
N HIS H 115 11.36 -4.58 48.79
CA HIS H 115 10.98 -3.82 47.61
C HIS H 115 10.85 -2.34 47.94
N ARG H 116 11.49 -1.50 47.13
CA ARG H 116 11.28 -0.06 47.23
C ARG H 116 10.41 0.47 46.10
N LEU H 117 10.47 -0.17 44.95
CA LEU H 117 9.63 0.09 43.79
C LEU H 117 8.95 -1.21 43.40
N PRO H 118 7.80 -1.14 42.75
CA PRO H 118 7.04 -2.38 42.48
C PRO H 118 7.83 -3.36 41.62
N LEU H 119 7.79 -4.63 42.04
CA LEU H 119 8.42 -5.68 41.25
C LEU H 119 7.76 -5.80 39.89
N GLN H 120 6.48 -5.45 39.81
CA GLN H 120 5.76 -5.41 38.54
C GLN H 120 6.37 -4.42 37.54
N SER H 121 7.17 -3.46 38.01
CA SER H 121 7.74 -2.49 37.09
C SER H 121 9.08 -2.93 36.51
N VAL H 122 9.67 -4.00 37.02
CA VAL H 122 10.90 -4.52 36.42
C VAL H 122 10.57 -5.14 35.07
N LYS H 123 11.26 -4.69 34.02
CA LYS H 123 11.05 -5.19 32.68
C LYS H 123 12.33 -5.71 32.02
N MET H 124 13.49 -5.58 32.69
CA MET H 124 14.78 -5.83 32.06
C MET H 124 15.79 -6.28 33.10
N LEU H 125 16.40 -7.44 32.88
CA LEU H 125 17.51 -7.93 33.70
C LEU H 125 18.83 -7.66 32.97
N ASP H 126 19.78 -7.05 33.67
CA ASP H 126 21.11 -6.79 33.14
C ASP H 126 22.15 -7.40 34.07
N VAL H 127 23.05 -8.22 33.51
CA VAL H 127 24.10 -8.90 34.27
C VAL H 127 25.45 -8.59 33.63
N ARG H 128 26.42 -8.16 34.44
CA ARG H 128 27.73 -7.81 33.91
C ARG H 128 28.76 -7.86 35.02
N GLY H 129 30.01 -7.94 34.62
CA GLY H 129 31.10 -7.78 35.56
C GLY H 129 32.37 -8.43 35.04
N ASP H 130 33.36 -8.48 35.95
CA ASP H 130 34.62 -9.13 35.68
C ASP H 130 34.42 -10.63 35.91
N ILE H 131 33.64 -11.22 35.00
CA ILE H 131 33.21 -12.61 35.10
C ILE H 131 33.20 -13.19 33.69
N VAL H 132 33.29 -14.50 33.62
CA VAL H 132 32.89 -15.28 32.46
C VAL H 132 31.50 -15.81 32.76
N LEU H 133 30.51 -15.35 32.02
CA LEU H 133 29.12 -15.65 32.33
C LEU H 133 28.70 -16.88 31.53
N THR H 134 28.33 -17.95 32.24
CA THR H 134 28.07 -19.19 31.55
C THR H 134 26.58 -19.52 31.43
N SER H 135 25.75 -19.11 32.38
CA SER H 135 24.32 -19.30 32.16
C SER H 135 23.52 -18.32 33.00
N VAL H 136 22.33 -18.00 32.49
CA VAL H 136 21.31 -17.18 33.15
C VAL H 136 19.97 -17.87 32.89
N ASP H 137 19.26 -18.24 33.95
CA ASP H 137 18.00 -18.95 33.84
C ASP H 137 16.97 -18.28 34.75
N THR H 138 15.74 -18.31 34.29
CA THR H 138 14.65 -17.76 35.06
C THR H 138 13.51 -18.77 35.08
N LEU H 139 12.69 -18.66 36.13
CA LEU H 139 11.51 -19.47 36.31
C LEU H 139 10.63 -18.78 37.36
#